data_3MQG
#
_entry.id   3MQG
#
_cell.length_a   68.488
_cell.length_b   107.824
_cell.length_c   90.966
_cell.angle_alpha   90.00
_cell.angle_beta   102.49
_cell.angle_gamma   90.00
#
_symmetry.space_group_name_H-M   'P 1 21 1'
#
loop_
_entity.id
_entity.type
_entity.pdbx_description
1 polymer 'Lipopolysaccharides biosynthesis acetyltransferase'
2 non-polymer 'ACETYL COENZYME *A'
3 non-polymer "URIDINE-5'-MONOPHOSPHATE"
4 non-polymer 'SODIUM ION'
5 non-polymer "URIDINE-5'-DIPHOSPHATE"
6 non-polymer 'PHOSPHATE ION'
7 non-polymer 1,2-ETHANEDIOL
8 non-polymer 2-{2-[2-(2-{2-[2-(2-ETHOXY-ETHOXY)-ETHOXY]-ETHOXY}-ETHOXY)-ETHOXY]-ETHOXY}-ETHANOL
9 water water
#
_entity_poly.entity_id   1
_entity_poly.type   'polypeptide(L)'
_entity_poly.pdbx_seq_one_letter_code
;GHMATIHPTAIVDEGARIGAHSRIWHWVHICGGAEIGEGCSLGQNVFVGNRVRIGNRVKIQNNVSVYDNVFLEDDVFCGP
SMVFTNVYNPRAAIERKSEYRDTIVRQGATLGANCTVVCGATIGRYAFVGAGAVVNKDVPDFALVVGVPARQIGWMSRHG
EQLDLPLRGNAEATCPHTGERYILTDGVCRLA
;
_entity_poly.pdbx_strand_id   A,B,C,D,E,F
#
# COMPACT_ATOMS: atom_id res chain seq x y z
N MET A 3 -21.98 4.06 -5.35
CA MET A 3 -21.61 3.16 -6.48
C MET A 3 -20.46 3.76 -7.28
N ALA A 4 -19.82 4.74 -6.66
CA ALA A 4 -18.55 5.26 -7.16
C ALA A 4 -17.60 4.09 -7.38
N THR A 5 -16.89 4.12 -8.50
CA THR A 5 -15.80 3.17 -8.73
C THR A 5 -14.47 3.73 -8.28
N ILE A 6 -13.77 2.90 -7.52
CA ILE A 6 -12.54 3.26 -6.85
C ILE A 6 -11.41 2.32 -7.27
N HIS A 7 -10.38 2.85 -7.93
CA HIS A 7 -9.19 2.02 -8.19
C HIS A 7 -8.67 1.29 -6.96
N PRO A 8 -8.31 0.00 -7.06
CA PRO A 8 -7.81 -0.74 -5.90
C PRO A 8 -6.60 -0.15 -5.19
N THR A 9 -5.80 0.65 -5.91
CA THR A 9 -4.64 1.29 -5.30
C THR A 9 -4.97 2.61 -4.57
N ALA A 10 -6.18 3.09 -4.79
CA ALA A 10 -6.61 4.25 -4.02
C ALA A 10 -6.92 3.95 -2.55
N ILE A 11 -6.81 4.97 -1.70
CA ILE A 11 -7.12 4.81 -0.28
C ILE A 11 -8.20 5.82 0.11
N VAL A 12 -9.40 5.31 0.37
CA VAL A 12 -10.54 6.16 0.71
C VAL A 12 -10.82 5.86 2.19
N ASP A 13 -10.48 6.78 3.06
CA ASP A 13 -10.56 6.51 4.51
C ASP A 13 -12.02 6.34 4.94
N GLU A 14 -12.25 5.43 5.89
CA GLU A 14 -13.57 5.29 6.49
C GLU A 14 -14.24 6.62 6.87
N GLY A 15 -15.49 6.80 6.47
CA GLY A 15 -16.22 8.03 6.71
C GLY A 15 -16.40 8.90 5.49
N ALA A 16 -15.50 8.74 4.52
CA ALA A 16 -15.63 9.59 3.33
C ALA A 16 -16.90 9.25 2.57
N ARG A 17 -17.51 10.27 1.96
CA ARG A 17 -18.69 10.06 1.17
C ARG A 17 -18.43 10.45 -0.26
N ILE A 18 -18.69 9.51 -1.17
CA ILE A 18 -18.43 9.73 -2.59
C ILE A 18 -19.69 9.33 -3.35
N GLY A 19 -20.18 10.25 -4.14
CA GLY A 19 -21.43 9.96 -4.84
C GLY A 19 -21.37 8.99 -5.98
N ALA A 20 -22.56 8.54 -6.34
CA ALA A 20 -22.76 7.68 -7.46
C ALA A 20 -22.11 8.19 -8.73
N HIS A 21 -21.62 7.24 -9.52
CA HIS A 21 -21.05 7.45 -10.85
C HIS A 21 -19.71 8.18 -10.79
N SER A 22 -19.21 8.47 -9.60
CA SER A 22 -17.86 9.07 -9.53
C SER A 22 -16.78 8.04 -9.83
N ARG A 23 -15.62 8.52 -10.27
CA ARG A 23 -14.50 7.64 -10.57
C ARG A 23 -13.27 8.14 -9.84
N ILE A 24 -12.63 7.25 -9.10
CA ILE A 24 -11.44 7.60 -8.31
C ILE A 24 -10.28 6.80 -8.89
N TRP A 25 -9.23 7.45 -9.39
CA TRP A 25 -8.17 6.78 -10.10
C TRP A 25 -7.01 6.35 -9.23
N HIS A 26 -5.87 6.04 -9.85
CA HIS A 26 -4.78 5.37 -9.19
C HIS A 26 -4.14 6.20 -8.08
N TRP A 27 -3.86 5.58 -6.93
CA TRP A 27 -3.08 6.19 -5.84
C TRP A 27 -3.61 7.55 -5.41
N VAL A 28 -4.93 7.63 -5.34
CA VAL A 28 -5.62 8.76 -4.76
C VAL A 28 -5.78 8.54 -3.27
N HIS A 29 -5.60 9.53 -2.41
CA HIS A 29 -5.94 9.44 -0.99
C HIS A 29 -7.07 10.42 -0.65
N ILE A 30 -8.19 9.91 -0.14
CA ILE A 30 -9.33 10.75 0.28
C ILE A 30 -9.53 10.59 1.79
N CYS A 31 -9.48 11.69 2.53
CA CYS A 31 -9.59 11.63 3.99
C CYS A 31 -11.06 11.40 4.42
N GLY A 32 -11.24 10.98 5.67
CA GLY A 32 -12.56 10.50 6.10
C GLY A 32 -13.68 11.53 6.29
N GLY A 33 -13.30 12.80 6.44
CA GLY A 33 -14.24 13.92 6.44
C GLY A 33 -14.83 14.34 5.11
N ALA A 34 -14.20 13.90 4.01
CA ALA A 34 -14.43 14.50 2.69
C ALA A 34 -15.84 14.16 2.22
N GLU A 35 -16.47 15.10 1.49
CA GLU A 35 -17.75 14.83 0.87
C GLU A 35 -17.56 15.20 -0.59
N ILE A 36 -17.84 14.27 -1.50
CA ILE A 36 -17.66 14.40 -2.95
C ILE A 36 -18.97 13.96 -3.58
N GLY A 37 -19.44 14.73 -4.55
CA GLY A 37 -20.74 14.48 -5.17
C GLY A 37 -20.76 13.42 -6.24
N GLU A 38 -21.79 13.44 -7.08
CA GLU A 38 -21.98 12.42 -8.09
C GLU A 38 -21.28 12.80 -9.40
N GLY A 39 -20.84 11.80 -10.16
CA GLY A 39 -20.29 12.02 -11.48
C GLY A 39 -18.97 12.76 -11.47
N CYS A 40 -18.27 12.76 -10.33
CA CYS A 40 -16.94 13.38 -10.29
C CYS A 40 -15.87 12.44 -10.82
N SER A 41 -14.75 13.01 -11.20
CA SER A 41 -13.59 12.23 -11.61
C SER A 41 -12.35 12.77 -10.89
N LEU A 42 -11.60 11.91 -10.18
CA LEU A 42 -10.39 12.30 -9.47
C LEU A 42 -9.20 11.55 -10.04
N GLY A 43 -8.28 12.27 -10.69
CA GLY A 43 -7.17 11.64 -11.37
C GLY A 43 -6.07 11.12 -10.47
N GLN A 44 -5.04 10.60 -11.12
CA GLN A 44 -3.91 9.94 -10.44
C GLN A 44 -3.30 10.84 -9.37
N ASN A 45 -3.06 10.33 -8.16
CA ASN A 45 -2.36 11.05 -7.10
C ASN A 45 -3.10 12.27 -6.59
N VAL A 46 -4.40 12.36 -6.85
CA VAL A 46 -5.16 13.40 -6.14
C VAL A 46 -5.14 13.16 -4.64
N PHE A 47 -5.16 14.21 -3.83
CA PHE A 47 -5.34 14.16 -2.39
C PHE A 47 -6.59 14.98 -2.06
N VAL A 48 -7.45 14.53 -1.15
CA VAL A 48 -8.56 15.32 -0.65
C VAL A 48 -8.60 15.29 0.87
N GLY A 49 -8.63 16.46 1.49
CA GLY A 49 -8.61 16.56 2.94
C GLY A 49 -9.97 16.29 3.57
N ASN A 50 -9.97 16.55 4.86
CA ASN A 50 -11.15 16.24 5.65
C ASN A 50 -12.20 17.34 5.49
N ARG A 51 -11.79 18.60 5.60
CA ARG A 51 -12.75 19.71 5.61
C ARG A 51 -12.95 20.27 4.21
N VAL A 52 -13.53 19.40 3.40
CA VAL A 52 -13.61 19.60 1.95
C VAL A 52 -14.98 19.16 1.48
N ARG A 53 -15.60 20.01 0.67
CA ARG A 53 -16.86 19.67 0.03
C ARG A 53 -16.66 19.87 -1.48
N ILE A 54 -16.91 18.83 -2.24
CA ILE A 54 -16.82 18.86 -3.72
C ILE A 54 -18.19 18.50 -4.25
N GLY A 55 -18.72 19.29 -5.18
CA GLY A 55 -20.09 19.08 -5.66
C GLY A 55 -20.20 18.00 -6.71
N ASN A 56 -21.17 18.15 -7.61
CA ASN A 56 -21.42 17.11 -8.60
C ASN A 56 -20.71 17.48 -9.92
N ARG A 57 -20.22 16.45 -10.61
CA ARG A 57 -19.69 16.57 -11.96
C ARG A 57 -18.41 17.42 -11.98
N VAL A 58 -17.67 17.31 -10.89
CA VAL A 58 -16.40 18.04 -10.72
C VAL A 58 -15.29 17.16 -11.28
N LYS A 59 -14.51 17.74 -12.21
CA LYS A 59 -13.41 17.02 -12.83
CA LYS A 59 -13.41 17.02 -12.82
C LYS A 59 -12.09 17.51 -12.26
N ILE A 60 -11.38 16.61 -11.57
CA ILE A 60 -10.13 16.96 -10.92
C ILE A 60 -9.03 16.16 -11.58
N GLN A 61 -8.14 16.81 -12.30
CA GLN A 61 -7.08 16.11 -13.01
C GLN A 61 -5.93 15.65 -12.08
N ASN A 62 -4.94 15.01 -12.68
CA ASN A 62 -3.85 14.42 -11.93
C ASN A 62 -3.18 15.44 -11.01
N ASN A 63 -2.72 15.00 -9.85
CA ASN A 63 -1.77 15.72 -9.00
C ASN A 63 -2.36 17.00 -8.42
N VAL A 64 -3.68 16.99 -8.25
CA VAL A 64 -4.34 18.09 -7.51
C VAL A 64 -4.57 17.75 -6.04
N SER A 65 -4.11 18.59 -5.12
CA SER A 65 -4.39 18.39 -3.70
C SER A 65 -5.46 19.35 -3.21
N VAL A 66 -6.61 18.79 -2.90
CA VAL A 66 -7.75 19.58 -2.43
C VAL A 66 -7.63 19.59 -0.94
N TYR A 67 -6.98 20.62 -0.40
CA TYR A 67 -6.76 20.67 1.05
C TYR A 67 -8.00 21.10 1.84
N ASP A 68 -7.93 20.86 3.14
CA ASP A 68 -8.91 21.44 4.06
C ASP A 68 -9.24 22.89 3.71
N ASN A 69 -10.52 23.22 3.78
CA ASN A 69 -10.99 24.58 3.62
C ASN A 69 -11.12 25.00 2.16
N VAL A 70 -11.05 24.02 1.26
CA VAL A 70 -11.38 24.21 -0.18
C VAL A 70 -12.78 23.68 -0.48
N PHE A 71 -13.59 24.47 -1.16
CA PHE A 71 -14.95 24.07 -1.52
C PHE A 71 -15.17 24.30 -2.99
N LEU A 72 -15.57 23.23 -3.67
CA LEU A 72 -15.74 23.26 -5.14
C LEU A 72 -17.21 23.03 -5.45
N GLU A 73 -17.85 24.02 -6.06
CA GLU A 73 -19.23 23.79 -6.51
C GLU A 73 -19.32 22.87 -7.69
N ASP A 74 -20.56 22.64 -8.13
CA ASP A 74 -20.82 21.73 -9.26
C ASP A 74 -20.09 22.19 -10.53
N ASP A 75 -19.68 21.23 -11.35
CA ASP A 75 -19.16 21.49 -12.70
C ASP A 75 -17.82 22.25 -12.72
N VAL A 76 -17.13 22.30 -11.59
CA VAL A 76 -15.79 22.88 -11.58
C VAL A 76 -14.78 21.98 -12.30
N PHE A 77 -13.84 22.58 -13.00
CA PHE A 77 -12.77 21.83 -13.64
C PHE A 77 -11.47 22.23 -12.97
N CYS A 78 -10.73 21.25 -12.43
CA CYS A 78 -9.40 21.55 -11.87
C CYS A 78 -8.39 20.89 -12.77
N GLY A 79 -7.64 21.70 -13.51
CA GLY A 79 -6.72 21.17 -14.48
C GLY A 79 -5.49 20.48 -13.90
N PRO A 80 -4.76 19.81 -14.81
CA PRO A 80 -3.60 19.01 -14.41
C PRO A 80 -2.69 19.78 -13.48
N SER A 81 -2.36 19.23 -12.32
CA SER A 81 -1.37 19.77 -11.42
C SER A 81 -1.69 21.19 -10.97
N MET A 82 -2.94 21.64 -10.99
CA MET A 82 -3.22 22.91 -10.33
C MET A 82 -3.14 22.75 -8.80
N VAL A 83 -2.95 23.88 -8.12
CA VAL A 83 -2.55 23.85 -6.71
C VAL A 83 -3.47 24.76 -5.89
N PHE A 84 -4.10 24.20 -4.87
CA PHE A 84 -4.80 24.93 -3.80
C PHE A 84 -3.90 25.11 -2.58
N THR A 85 -4.29 26.07 -1.76
CA THR A 85 -3.63 26.34 -0.47
C THR A 85 -4.63 26.64 0.57
N ASN A 86 -4.23 26.56 1.84
CA ASN A 86 -5.12 26.99 2.93
C ASN A 86 -4.45 27.82 4.01
N VAL A 87 -3.12 27.96 3.98
CA VAL A 87 -2.43 28.85 4.91
C VAL A 87 -1.77 29.93 4.05
N TYR A 88 -2.01 31.20 4.39
CA TYR A 88 -1.61 32.32 3.58
C TYR A 88 -0.12 32.57 3.68
N ASN A 89 0.42 32.52 4.90
CA ASN A 89 1.81 32.92 5.14
C ASN A 89 2.49 31.82 5.95
N PRO A 90 2.68 30.60 5.39
CA PRO A 90 3.18 29.47 6.19
C PRO A 90 4.62 29.71 6.67
N ARG A 91 4.82 29.26 7.92
CA ARG A 91 6.15 29.14 8.51
C ARG A 91 6.19 27.80 9.23
N ALA A 92 7.25 27.03 8.97
CA ALA A 92 7.32 25.69 9.53
C ALA A 92 7.21 25.69 11.06
N ALA A 93 7.74 26.73 11.70
CA ALA A 93 7.76 26.73 13.17
C ALA A 93 6.43 27.13 13.81
N ILE A 94 5.47 27.61 13.03
CA ILE A 94 4.24 28.18 13.59
C ILE A 94 3.02 27.42 13.02
N GLU A 95 2.28 26.61 13.78
CA GLU A 95 1.15 25.88 13.23
C GLU A 95 0.03 26.86 12.99
N ARG A 96 -0.56 26.81 11.79
CA ARG A 96 -1.55 27.80 11.46
C ARG A 96 -2.86 27.17 11.06
N LYS A 97 -3.09 25.95 11.56
CA LYS A 97 -4.35 25.24 11.41
C LYS A 97 -5.51 26.15 11.72
N SER A 98 -5.41 26.94 12.79
CA SER A 98 -6.55 27.73 13.23
C SER A 98 -6.74 29.00 12.41
N GLU A 99 -5.82 29.24 11.46
CA GLU A 99 -5.78 30.48 10.68
C GLU A 99 -6.06 30.19 9.21
N TYR A 100 -6.51 28.97 8.92
CA TYR A 100 -6.85 28.64 7.54
C TYR A 100 -7.77 29.68 6.92
N ARG A 101 -7.56 29.96 5.64
CA ARG A 101 -8.48 30.80 4.85
C ARG A 101 -9.20 29.92 3.84
N ASP A 102 -10.49 30.17 3.65
CA ASP A 102 -11.33 29.39 2.73
C ASP A 102 -10.99 29.71 1.28
N THR A 103 -11.15 28.72 0.41
CA THR A 103 -11.08 28.93 -1.03
C THR A 103 -12.39 28.40 -1.57
N ILE A 104 -13.15 29.26 -2.23
CA ILE A 104 -14.45 28.85 -2.77
C ILE A 104 -14.38 28.98 -4.29
N VAL A 105 -14.70 27.89 -4.96
CA VAL A 105 -14.70 27.86 -6.42
C VAL A 105 -16.14 27.64 -6.84
N ARG A 106 -16.70 28.63 -7.52
CA ARG A 106 -18.11 28.61 -7.86
C ARG A 106 -18.38 27.82 -9.14
N GLN A 107 -19.67 27.51 -9.33
CA GLN A 107 -20.11 26.63 -10.39
C GLN A 107 -19.54 26.95 -11.75
N GLY A 108 -19.01 25.89 -12.35
CA GLY A 108 -18.57 25.95 -13.74
C GLY A 108 -17.19 26.58 -13.97
N ALA A 109 -16.56 27.08 -12.90
CA ALA A 109 -15.23 27.69 -13.05
C ALA A 109 -14.24 26.64 -13.55
N THR A 110 -13.31 27.13 -14.36
CA THR A 110 -12.22 26.33 -14.90
C THR A 110 -10.91 26.86 -14.33
N LEU A 111 -10.15 25.97 -13.68
CA LEU A 111 -8.83 26.27 -13.11
C LEU A 111 -7.79 25.64 -14.02
N GLY A 112 -7.11 26.42 -14.85
CA GLY A 112 -6.15 25.88 -15.80
C GLY A 112 -5.01 25.08 -15.20
N ALA A 113 -4.48 24.25 -16.06
CA ALA A 113 -3.33 23.42 -15.70
C ALA A 113 -2.28 24.24 -15.00
N ASN A 114 -1.79 23.73 -13.87
CA ASN A 114 -0.62 24.27 -13.17
C ASN A 114 -0.86 25.68 -12.66
N CYS A 115 -2.12 26.08 -12.55
CA CYS A 115 -2.40 27.33 -11.84
C CYS A 115 -2.26 27.13 -10.35
N THR A 116 -2.24 28.23 -9.60
CA THR A 116 -2.15 28.17 -8.15
C THR A 116 -3.16 29.16 -7.60
N VAL A 117 -3.83 28.82 -6.50
CA VAL A 117 -4.83 29.72 -5.92
C VAL A 117 -4.40 30.03 -4.48
N VAL A 118 -4.02 31.27 -4.21
CA VAL A 118 -3.71 31.67 -2.85
C VAL A 118 -5.01 31.70 -2.05
N CYS A 119 -4.99 31.08 -0.87
CA CYS A 119 -6.19 30.91 -0.03
C CYS A 119 -6.83 32.25 0.34
N GLY A 120 -8.16 32.20 0.45
CA GLY A 120 -8.94 33.39 0.74
C GLY A 120 -9.65 33.91 -0.50
N ALA A 121 -9.23 33.52 -1.69
CA ALA A 121 -9.89 33.98 -2.90
C ALA A 121 -11.18 33.18 -3.15
N THR A 122 -12.15 33.88 -3.72
CA THR A 122 -13.32 33.24 -4.30
C THR A 122 -13.21 33.35 -5.82
N ILE A 123 -13.47 32.22 -6.47
CA ILE A 123 -13.39 32.15 -7.92
C ILE A 123 -14.81 32.04 -8.44
N GLY A 124 -15.21 33.03 -9.22
CA GLY A 124 -16.62 33.13 -9.57
C GLY A 124 -17.12 32.14 -10.61
N ARG A 125 -18.45 32.10 -10.77
CA ARG A 125 -19.12 31.18 -11.64
C ARG A 125 -18.57 31.29 -13.06
N TYR A 126 -18.17 30.16 -13.64
CA TYR A 126 -17.67 30.18 -15.02
C TYR A 126 -16.45 31.04 -15.26
N ALA A 127 -15.73 31.40 -14.20
CA ALA A 127 -14.45 32.05 -14.43
C ALA A 127 -13.51 31.11 -15.19
N PHE A 128 -12.46 31.69 -15.74
CA PHE A 128 -11.46 30.85 -16.41
C PHE A 128 -10.09 31.37 -16.03
N VAL A 129 -9.36 30.54 -15.29
CA VAL A 129 -8.00 30.86 -14.82
C VAL A 129 -7.06 30.19 -15.84
N GLY A 130 -6.30 31.00 -16.57
CA GLY A 130 -5.36 30.44 -17.56
C GLY A 130 -4.35 29.51 -16.93
N ALA A 131 -3.84 28.64 -17.80
CA ALA A 131 -2.76 27.75 -17.35
C ALA A 131 -1.65 28.53 -16.72
N GLY A 132 -1.17 28.03 -15.58
CA GLY A 132 -0.03 28.67 -14.92
C GLY A 132 -0.28 29.94 -14.14
N ALA A 133 -1.51 30.44 -14.16
CA ALA A 133 -1.74 31.70 -13.43
C ALA A 133 -1.59 31.53 -11.94
N VAL A 134 -1.30 32.61 -11.22
CA VAL A 134 -1.30 32.61 -9.75
C VAL A 134 -2.41 33.55 -9.27
N VAL A 135 -3.52 33.02 -8.79
CA VAL A 135 -4.67 33.82 -8.36
C VAL A 135 -4.43 34.24 -6.93
N ASN A 136 -4.43 35.55 -6.71
CA ASN A 136 -4.32 36.05 -5.33
C ASN A 136 -5.34 37.15 -5.04
N LYS A 137 -6.43 37.20 -5.82
CA LYS A 137 -7.55 38.05 -5.47
C LYS A 137 -8.81 37.38 -5.98
N ASP A 138 -9.96 37.85 -5.54
CA ASP A 138 -11.19 37.27 -6.08
C ASP A 138 -11.24 37.39 -7.59
N VAL A 139 -11.86 36.40 -8.21
CA VAL A 139 -12.01 36.36 -9.67
C VAL A 139 -13.49 36.52 -10.00
N PRO A 140 -13.90 37.59 -10.72
CA PRO A 140 -15.33 37.78 -10.99
C PRO A 140 -15.96 36.61 -11.78
N ASP A 141 -17.27 36.39 -11.67
CA ASP A 141 -17.98 35.48 -12.56
C ASP A 141 -17.57 35.81 -14.00
N PHE A 142 -17.27 34.75 -14.77
CA PHE A 142 -16.98 34.87 -16.20
C PHE A 142 -15.63 35.50 -16.52
N ALA A 143 -14.85 35.89 -15.53
CA ALA A 143 -13.57 36.54 -15.85
C ALA A 143 -12.54 35.58 -16.37
N LEU A 144 -11.86 36.00 -17.41
CA LEU A 144 -10.63 35.31 -17.87
C LEU A 144 -9.44 36.02 -17.28
N VAL A 145 -8.64 35.30 -16.49
CA VAL A 145 -7.47 35.87 -15.81
C VAL A 145 -6.26 35.03 -16.18
N VAL A 146 -5.11 35.70 -16.37
CA VAL A 146 -3.88 35.02 -16.71
C VAL A 146 -2.72 35.73 -16.01
N GLY A 147 -1.60 35.05 -15.84
CA GLY A 147 -0.36 35.69 -15.39
C GLY A 147 -0.03 35.43 -13.93
N VAL A 148 1.19 35.84 -13.59
CA VAL A 148 1.72 35.73 -12.23
C VAL A 148 2.04 37.12 -11.68
N PRO A 149 1.18 37.73 -10.85
CA PRO A 149 -0.13 37.23 -10.42
C PRO A 149 -1.19 37.40 -11.51
N ALA A 150 -2.33 36.77 -11.31
CA ALA A 150 -3.34 36.81 -12.37
C ALA A 150 -4.00 38.17 -12.47
N ARG A 151 -4.17 38.54 -13.73
CA ARG A 151 -4.90 39.77 -14.04
C ARG A 151 -5.99 39.45 -15.05
N GLN A 152 -7.09 40.20 -15.01
CA GLN A 152 -8.18 39.94 -15.92
C GLN A 152 -7.91 40.55 -17.29
N ILE A 153 -8.02 39.73 -18.31
CA ILE A 153 -7.82 40.17 -19.68
C ILE A 153 -9.09 40.08 -20.54
N GLY A 154 -10.16 39.46 -20.06
CA GLY A 154 -11.39 39.37 -20.84
C GLY A 154 -12.46 38.69 -20.02
N TRP A 155 -13.45 38.22 -20.76
CA TRP A 155 -14.56 37.47 -20.20
C TRP A 155 -14.78 36.23 -21.05
N MET A 156 -15.17 35.14 -20.39
CA MET A 156 -15.36 33.83 -21.02
C MET A 156 -16.82 33.40 -20.90
N SER A 157 -17.42 33.02 -22.01
CA SER A 157 -18.75 32.44 -21.94
C SER A 157 -18.80 31.10 -21.23
N ARG A 158 -19.98 30.64 -20.84
CA ARG A 158 -20.08 29.30 -20.26
C ARG A 158 -19.42 28.25 -21.15
N HIS A 159 -19.61 28.36 -22.46
CA HIS A 159 -19.07 27.37 -23.40
C HIS A 159 -17.54 27.38 -23.42
N GLY A 160 -16.95 28.51 -23.07
CA GLY A 160 -15.49 28.60 -22.97
C GLY A 160 -14.83 29.39 -24.08
N GLU A 161 -15.50 30.40 -24.62
CA GLU A 161 -14.85 31.30 -25.58
C GLU A 161 -15.02 32.74 -25.18
N GLN A 162 -14.04 33.57 -25.53
CA GLN A 162 -14.09 34.97 -25.13
C GLN A 162 -15.28 35.74 -25.69
N LEU A 163 -15.83 36.61 -24.84
CA LEU A 163 -16.96 37.50 -25.19
C LEU A 163 -16.42 38.87 -25.62
N ASP A 164 -17.06 39.44 -26.65
CA ASP A 164 -16.67 40.78 -27.15
C ASP A 164 -17.29 41.86 -26.24
N LEU A 165 -16.72 42.02 -25.06
CA LEU A 165 -17.31 42.80 -23.97
C LEU A 165 -16.12 43.49 -23.34
N PRO A 166 -16.26 44.80 -23.08
CA PRO A 166 -15.17 45.48 -22.38
C PRO A 166 -15.03 45.00 -20.94
N LEU A 167 -13.89 45.25 -20.31
CA LEU A 167 -13.73 44.92 -18.92
C LEU A 167 -14.56 45.78 -17.99
N ARG A 168 -14.76 47.05 -18.34
CA ARG A 168 -15.40 47.99 -17.45
CA ARG A 168 -15.41 48.00 -17.45
C ARG A 168 -16.66 48.60 -18.10
N GLY A 169 -17.49 49.15 -17.23
CA GLY A 169 -18.64 49.95 -17.66
C GLY A 169 -19.85 49.08 -17.93
N ASN A 170 -20.71 49.49 -18.86
CA ASN A 170 -21.95 48.79 -19.15
C ASN A 170 -21.94 48.40 -20.62
N ALA A 171 -22.37 47.17 -20.90
CA ALA A 171 -22.37 46.62 -22.27
C ALA A 171 -23.15 45.31 -22.31
N GLU A 172 -23.35 44.80 -23.51
CA GLU A 172 -23.94 43.48 -23.68
C GLU A 172 -23.19 42.78 -24.79
N ALA A 173 -23.17 41.45 -24.76
CA ALA A 173 -22.53 40.67 -25.82
C ALA A 173 -23.16 39.29 -25.85
N THR A 174 -22.90 38.58 -26.95
CA THR A 174 -23.37 37.21 -27.05
C THR A 174 -22.24 36.16 -27.20
N CYS A 175 -22.52 34.96 -26.71
CA CYS A 175 -21.56 33.86 -26.83
C CYS A 175 -21.37 33.57 -28.33
N PRO A 176 -20.11 33.55 -28.80
CA PRO A 176 -19.89 33.23 -30.21
C PRO A 176 -20.39 31.85 -30.64
N HIS A 177 -20.52 30.90 -29.71
CA HIS A 177 -21.05 29.58 -30.01
C HIS A 177 -22.55 29.36 -29.87
N THR A 178 -23.13 29.78 -28.75
CA THR A 178 -24.52 29.44 -28.46
C THR A 178 -25.40 30.65 -28.78
N GLY A 179 -24.80 31.83 -28.91
CA GLY A 179 -25.56 33.07 -29.06
C GLY A 179 -26.18 33.61 -27.78
N GLU A 180 -26.02 32.95 -26.65
CA GLU A 180 -26.68 33.40 -25.43
C GLU A 180 -26.10 34.75 -24.97
N ARG A 181 -26.95 35.61 -24.40
CA ARG A 181 -26.58 36.99 -24.11
C ARG A 181 -26.06 37.10 -22.66
N TYR A 182 -25.07 37.98 -22.55
CA TYR A 182 -24.46 38.39 -21.29
C TYR A 182 -24.62 39.90 -21.15
N ILE A 183 -24.84 40.33 -19.90
CA ILE A 183 -24.99 41.75 -19.57
C ILE A 183 -23.81 42.16 -18.68
N LEU A 184 -23.12 43.24 -19.02
CA LEU A 184 -22.12 43.81 -18.12
C LEU A 184 -22.72 45.08 -17.51
N THR A 185 -22.65 45.16 -16.18
CA THR A 185 -23.19 46.33 -15.47
C THR A 185 -22.10 46.73 -14.47
N ASP A 186 -21.58 47.95 -14.66
CA ASP A 186 -20.51 48.48 -13.82
C ASP A 186 -19.37 47.46 -13.70
N GLY A 187 -18.98 46.88 -14.83
CA GLY A 187 -17.84 45.94 -14.81
C GLY A 187 -18.09 44.58 -14.20
N VAL A 188 -19.35 44.18 -13.98
CA VAL A 188 -19.71 42.86 -13.52
C VAL A 188 -20.57 42.17 -14.58
N CYS A 189 -20.18 40.95 -14.97
CA CYS A 189 -20.79 40.22 -16.08
C CYS A 189 -21.76 39.21 -15.50
N ARG A 190 -22.96 39.15 -16.08
CA ARG A 190 -23.90 38.08 -15.76
C ARG A 190 -24.57 37.56 -17.02
N LEU A 191 -25.15 36.36 -16.92
CA LEU A 191 -26.04 35.84 -17.96
C LEU A 191 -27.34 36.65 -17.95
N ALA A 192 -27.84 37.02 -19.12
CA ALA A 192 -29.20 37.52 -19.22
C ALA A 192 -30.20 36.39 -19.06
N MET B 3 12.53 5.75 14.01
CA MET B 3 11.97 6.54 15.15
C MET B 3 10.73 7.22 14.56
N ALA B 4 10.92 7.72 13.34
CA ALA B 4 9.80 8.29 12.61
C ALA B 4 8.58 7.38 12.51
N THR B 5 7.41 7.99 12.32
CA THR B 5 6.27 7.23 11.84
C THR B 5 6.13 7.24 10.31
N ILE B 6 6.11 6.06 9.70
CA ILE B 6 6.14 5.89 8.25
C ILE B 6 4.92 5.16 7.71
N HIS B 7 4.16 5.75 6.79
CA HIS B 7 2.94 5.14 6.30
C HIS B 7 3.36 3.82 5.61
N PRO B 8 2.53 2.76 5.73
CA PRO B 8 2.94 1.49 5.14
C PRO B 8 3.13 1.50 3.63
N THR B 9 2.54 2.49 2.95
CA THR B 9 2.70 2.59 1.50
C THR B 9 3.96 3.35 1.09
N ALA B 10 4.61 3.99 2.04
CA ALA B 10 5.88 4.66 1.77
C ALA B 10 7.00 3.64 1.58
N ILE B 11 8.04 4.01 0.85
CA ILE B 11 9.19 3.15 0.63
C ILE B 11 10.40 3.93 1.07
N VAL B 12 10.95 3.57 2.22
CA VAL B 12 12.14 4.20 2.71
C VAL B 12 13.31 3.22 2.56
N ASP B 13 14.25 3.54 1.69
CA ASP B 13 15.30 2.59 1.34
C ASP B 13 16.30 2.43 2.48
N GLU B 14 16.85 1.22 2.57
CA GLU B 14 17.84 0.90 3.58
C GLU B 14 18.99 1.89 3.53
N GLY B 15 19.39 2.40 4.69
CA GLY B 15 20.40 3.41 4.80
C GLY B 15 19.84 4.78 5.18
N ALA B 16 18.59 5.05 4.85
CA ALA B 16 18.09 6.41 5.03
C ALA B 16 18.02 6.68 6.53
N ARG B 17 18.33 7.91 6.92
CA ARG B 17 18.29 8.31 8.34
C ARG B 17 17.14 9.29 8.51
N ILE B 18 16.21 8.97 9.41
CA ILE B 18 15.06 9.84 9.63
C ILE B 18 14.91 10.02 11.14
N GLY B 19 14.91 11.27 11.59
CA GLY B 19 14.92 11.53 13.03
C GLY B 19 13.59 11.32 13.71
N ALA B 20 13.66 11.30 15.06
CA ALA B 20 12.48 11.06 15.87
C ALA B 20 11.42 12.14 15.63
N HIS B 21 10.18 11.69 15.76
CA HIS B 21 8.98 12.51 15.69
C HIS B 21 8.65 12.94 14.25
N SER B 22 9.41 12.44 13.29
CA SER B 22 9.07 12.70 11.88
C SER B 22 7.93 11.83 11.39
N ARG B 23 7.21 12.32 10.36
CA ARG B 23 6.05 11.65 9.84
C ARG B 23 6.22 11.63 8.32
N ILE B 24 6.11 10.42 7.78
CA ILE B 24 6.25 10.18 6.34
C ILE B 24 4.91 9.67 5.88
N TRP B 25 4.24 10.35 4.96
CA TRP B 25 2.90 10.05 4.52
C TRP B 25 2.86 9.13 3.28
N HIS B 26 1.71 9.11 2.63
CA HIS B 26 1.43 8.08 1.66
C HIS B 26 2.34 8.13 0.44
N TRP B 27 2.84 6.96 0.02
CA TRP B 27 3.54 6.82 -1.27
C TRP B 27 4.69 7.82 -1.44
N VAL B 28 5.44 8.02 -0.36
CA VAL B 28 6.68 8.77 -0.38
C VAL B 28 7.83 7.80 -0.67
N HIS B 29 8.81 8.17 -1.48
CA HIS B 29 10.00 7.37 -1.61
C HIS B 29 11.20 8.15 -1.17
N ILE B 30 11.95 7.60 -0.21
CA ILE B 30 13.17 8.20 0.31
C ILE B 30 14.35 7.29 -0.03
N CYS B 31 15.36 7.86 -0.67
CA CYS B 31 16.55 7.09 -1.07
C CYS B 31 17.47 6.83 0.12
N GLY B 32 18.34 5.83 -0.06
CA GLY B 32 19.04 5.30 1.12
C GLY B 32 20.14 6.23 1.59
N GLY B 33 20.60 7.21 0.81
CA GLY B 33 21.60 8.17 1.32
C GLY B 33 21.06 9.37 2.11
N ALA B 34 19.75 9.53 2.08
CA ALA B 34 19.09 10.70 2.62
C ALA B 34 19.30 10.81 4.14
N GLU B 35 19.41 12.03 4.62
CA GLU B 35 19.41 12.35 6.05
C GLU B 35 18.33 13.39 6.31
N ILE B 36 17.39 13.05 7.18
CA ILE B 36 16.24 13.90 7.53
C ILE B 36 16.23 14.00 9.07
N GLY B 37 16.05 15.22 9.59
CA GLY B 37 16.15 15.43 11.04
C GLY B 37 14.88 15.08 11.79
N GLU B 38 14.72 15.70 12.98
CA GLU B 38 13.58 15.35 13.83
CA GLU B 38 13.60 15.36 13.85
C GLU B 38 12.38 16.25 13.58
N GLY B 39 11.19 15.68 13.77
CA GLY B 39 9.96 16.48 13.69
C GLY B 39 9.59 16.99 12.31
N CYS B 40 10.11 16.32 11.29
CA CYS B 40 9.79 16.75 9.92
C CYS B 40 8.49 16.11 9.49
N SER B 41 7.88 16.62 8.42
CA SER B 41 6.66 16.04 7.89
C SER B 41 6.81 15.99 6.38
N LEU B 42 6.69 14.81 5.77
CA LEU B 42 6.86 14.64 4.32
C LEU B 42 5.53 14.17 3.80
N GLY B 43 4.90 14.98 2.96
CA GLY B 43 3.56 14.70 2.48
C GLY B 43 3.45 13.71 1.32
N GLN B 44 2.24 13.53 0.84
CA GLN B 44 1.93 12.55 -0.20
C GLN B 44 2.86 12.67 -1.40
N ASN B 45 3.40 11.55 -1.89
CA ASN B 45 4.19 11.51 -3.12
C ASN B 45 5.46 12.36 -3.05
N VAL B 46 5.94 12.72 -1.86
CA VAL B 46 7.30 13.31 -1.81
C VAL B 46 8.37 12.31 -2.33
N PHE B 47 9.42 12.84 -2.94
CA PHE B 47 10.59 12.06 -3.31
C PHE B 47 11.79 12.71 -2.63
N VAL B 48 12.71 11.92 -2.07
CA VAL B 48 13.93 12.42 -1.50
C VAL B 48 15.11 11.63 -2.07
N GLY B 49 16.05 12.32 -2.70
CA GLY B 49 17.22 11.66 -3.28
C GLY B 49 18.29 11.28 -2.26
N ASN B 50 19.38 10.76 -2.80
CA ASN B 50 20.44 10.30 -1.90
C ASN B 50 21.29 11.42 -1.31
N ARG B 51 21.70 12.38 -2.12
CA ARG B 51 22.66 13.39 -1.67
C ARG B 51 21.89 14.60 -1.13
N VAL B 52 21.18 14.34 -0.04
CA VAL B 52 20.19 15.29 0.47
C VAL B 52 20.34 15.35 1.97
N ARG B 53 20.38 16.55 2.52
CA ARG B 53 20.28 16.71 3.98
C ARG B 53 19.14 17.67 4.26
N ILE B 54 18.24 17.19 5.10
CA ILE B 54 17.07 17.96 5.54
C ILE B 54 17.20 18.05 7.07
N GLY B 55 17.10 19.26 7.60
CA GLY B 55 17.21 19.51 9.05
C GLY B 55 15.99 19.11 9.86
N ASN B 56 15.84 19.79 10.99
CA ASN B 56 14.75 19.50 11.94
C ASN B 56 13.55 20.38 11.66
N ARG B 57 12.37 19.81 11.86
CA ARG B 57 11.09 20.53 11.80
C ARG B 57 10.88 21.14 10.42
N VAL B 58 11.35 20.44 9.39
CA VAL B 58 11.11 20.84 8.02
C VAL B 58 9.79 20.24 7.56
N LYS B 59 8.95 21.09 6.98
CA LYS B 59 7.62 20.66 6.52
CA LYS B 59 7.63 20.69 6.51
C LYS B 59 7.66 20.64 5.01
N ILE B 60 7.46 19.47 4.42
CA ILE B 60 7.54 19.26 2.96
C ILE B 60 6.15 18.82 2.55
N GLN B 61 5.46 19.68 1.82
CA GLN B 61 4.08 19.36 1.45
C GLN B 61 4.03 18.38 0.25
N ASN B 62 2.83 18.04 -0.18
CA ASN B 62 2.60 17.03 -1.23
C ASN B 62 3.40 17.38 -2.48
N ASN B 63 3.93 16.33 -3.11
CA ASN B 63 4.39 16.46 -4.51
C ASN B 63 5.68 17.26 -4.65
N VAL B 64 6.47 17.29 -3.58
CA VAL B 64 7.77 17.92 -3.64
C VAL B 64 8.88 16.87 -3.82
N SER B 65 9.73 17.03 -4.83
CA SER B 65 10.88 16.15 -5.05
C SER B 65 12.15 16.87 -4.62
N VAL B 66 12.73 16.37 -3.54
CA VAL B 66 13.97 16.94 -3.01
C VAL B 66 15.12 16.15 -3.61
N TYR B 67 15.60 16.64 -4.74
CA TYR B 67 16.61 15.92 -5.51
C TYR B 67 17.97 16.04 -4.88
N ASP B 68 18.89 15.16 -5.32
CA ASP B 68 20.32 15.29 -5.00
C ASP B 68 20.78 16.73 -5.08
N ASN B 69 21.61 17.15 -4.11
CA ASN B 69 22.27 18.44 -4.05
C ASN B 69 21.38 19.59 -3.54
N VAL B 70 20.23 19.20 -2.97
CA VAL B 70 19.36 20.13 -2.26
C VAL B 70 19.59 19.94 -0.75
N PHE B 71 19.83 21.06 -0.08
CA PHE B 71 20.08 21.05 1.37
C PHE B 71 19.10 22.01 2.05
N LEU B 72 18.32 21.49 2.98
CA LEU B 72 17.28 22.27 3.69
C LEU B 72 17.69 22.36 5.15
N GLU B 73 17.88 23.59 5.60
CA GLU B 73 18.16 23.85 7.02
C GLU B 73 16.90 23.66 7.88
N ASP B 74 17.04 23.85 9.20
CA ASP B 74 15.92 23.66 10.09
C ASP B 74 14.77 24.62 9.78
N ASP B 75 13.56 24.16 10.02
CA ASP B 75 12.37 25.04 10.02
C ASP B 75 12.06 25.62 8.63
N VAL B 76 12.53 24.95 7.59
CA VAL B 76 12.16 25.28 6.21
C VAL B 76 10.78 24.73 5.90
N PHE B 77 10.02 25.52 5.15
CA PHE B 77 8.69 25.10 4.68
C PHE B 77 8.70 24.99 3.17
N CYS B 78 8.40 23.80 2.67
CA CYS B 78 8.30 23.62 1.22
C CYS B 78 6.84 23.42 0.89
N GLY B 79 6.26 24.41 0.21
CA GLY B 79 4.84 24.37 -0.02
C GLY B 79 4.40 23.32 -1.06
N PRO B 80 3.09 23.14 -1.18
CA PRO B 80 2.51 22.11 -2.07
C PRO B 80 3.09 22.27 -3.47
N SER B 81 3.64 21.15 -3.95
CA SER B 81 4.07 21.02 -5.33
C SER B 81 5.09 22.06 -5.71
N MET B 82 5.88 22.58 -4.78
CA MET B 82 7.04 23.35 -5.22
C MET B 82 8.13 22.41 -5.78
N VAL B 83 9.03 23.01 -6.53
CA VAL B 83 9.91 22.24 -7.42
C VAL B 83 11.36 22.71 -7.24
N PHE B 84 12.22 21.75 -6.87
CA PHE B 84 13.67 21.95 -6.89
C PHE B 84 14.27 21.37 -8.18
N THR B 85 15.51 21.77 -8.48
CA THR B 85 16.28 21.25 -9.61
C THR B 85 17.73 21.07 -9.19
N ASN B 86 18.46 20.26 -9.95
CA ASN B 86 19.90 20.13 -9.72
C ASN B 86 20.74 20.23 -11.00
N VAL B 87 20.14 20.23 -12.19
CA VAL B 87 20.86 20.47 -13.45
C VAL B 87 20.32 21.75 -14.08
N TYR B 88 21.23 22.67 -14.39
CA TYR B 88 20.90 24.03 -14.83
C TYR B 88 20.34 24.02 -16.26
N ASN B 89 20.97 23.22 -17.11
CA ASN B 89 20.72 23.25 -18.55
C ASN B 89 20.56 21.84 -19.11
N PRO B 90 19.54 21.11 -18.64
CA PRO B 90 19.44 19.71 -18.99
C PRO B 90 19.23 19.47 -20.49
N ARG B 91 19.92 18.41 -20.94
CA ARG B 91 19.71 17.86 -22.29
C ARG B 91 19.71 16.36 -22.11
N ALA B 92 18.71 15.67 -22.66
CA ALA B 92 18.59 14.23 -22.44
C ALA B 92 19.82 13.50 -22.98
N ALA B 93 20.46 13.99 -24.03
CA ALA B 93 21.61 13.26 -24.59
C ALA B 93 22.88 13.41 -23.76
N ILE B 94 22.95 14.31 -22.77
CA ILE B 94 24.19 14.62 -22.03
C ILE B 94 23.97 14.43 -20.53
N GLU B 95 24.61 13.43 -19.95
CA GLU B 95 24.40 13.18 -18.52
C GLU B 95 25.13 14.27 -17.76
N ARG B 96 24.47 14.91 -16.80
CA ARG B 96 25.11 16.03 -16.14
C ARG B 96 25.15 15.88 -14.63
N LYS B 97 25.15 14.61 -14.20
CA LYS B 97 25.39 14.29 -12.79
C LYS B 97 26.59 15.06 -12.26
N SER B 98 27.68 15.08 -13.02
CA SER B 98 28.89 15.70 -12.53
C SER B 98 28.84 17.22 -12.48
N GLU B 99 27.78 17.82 -13.03
CA GLU B 99 27.67 19.27 -13.15
C GLU B 99 26.55 19.78 -12.27
N TYR B 100 26.06 18.93 -11.36
CA TYR B 100 24.97 19.38 -10.47
C TYR B 100 25.34 20.66 -9.76
N ARG B 101 24.37 21.55 -9.57
CA ARG B 101 24.59 22.80 -8.81
C ARG B 101 23.75 22.67 -7.53
N ASP B 102 24.30 23.09 -6.41
CA ASP B 102 23.64 22.96 -5.12
C ASP B 102 22.54 24.00 -4.99
N THR B 103 21.50 23.62 -4.25
CA THR B 103 20.49 24.57 -3.81
C THR B 103 20.48 24.50 -2.27
N ILE B 104 20.74 25.64 -1.66
CA ILE B 104 20.81 25.66 -0.18
C ILE B 104 19.67 26.54 0.29
N VAL B 105 18.78 25.99 1.11
CA VAL B 105 17.67 26.78 1.69
C VAL B 105 17.96 26.94 3.18
N ARG B 106 18.14 28.19 3.59
CA ARG B 106 18.54 28.48 4.96
C ARG B 106 17.37 28.51 5.91
N GLN B 107 17.74 28.50 7.20
CA GLN B 107 16.78 28.23 8.28
C GLN B 107 15.56 29.15 8.18
N GLY B 108 14.39 28.54 8.34
CA GLY B 108 13.13 29.27 8.44
C GLY B 108 12.59 29.78 7.12
N ALA B 109 13.28 29.61 5.99
CA ALA B 109 12.75 30.09 4.73
C ALA B 109 11.47 29.32 4.38
N THR B 110 10.58 30.04 3.72
CA THR B 110 9.34 29.49 3.16
C THR B 110 9.34 29.56 1.64
N LEU B 111 9.03 28.38 1.07
CA LEU B 111 8.99 28.22 -0.37
C LEU B 111 7.54 28.03 -0.71
N GLY B 112 6.90 29.02 -1.31
CA GLY B 112 5.47 28.93 -1.54
C GLY B 112 5.05 27.83 -2.50
N ALA B 113 3.77 27.53 -2.43
CA ALA B 113 3.14 26.51 -3.25
C ALA B 113 3.48 26.74 -4.72
N ASN B 114 3.97 25.70 -5.38
CA ASN B 114 4.17 25.69 -6.82
C ASN B 114 5.23 26.69 -7.24
N CYS B 115 6.10 27.12 -6.32
CA CYS B 115 7.28 27.85 -6.80
C CYS B 115 8.31 26.87 -7.39
N THR B 116 9.33 27.44 -8.02
CA THR B 116 10.38 26.66 -8.67
C THR B 116 11.71 27.31 -8.33
N VAL B 117 12.73 26.53 -7.99
CA VAL B 117 14.03 27.13 -7.70
C VAL B 117 15.07 26.57 -8.70
N VAL B 118 15.65 27.47 -9.48
CA VAL B 118 16.69 27.03 -10.43
C VAL B 118 17.94 26.75 -9.61
N CYS B 119 18.55 25.61 -9.84
CA CYS B 119 19.74 25.21 -9.08
C CYS B 119 20.87 26.22 -9.11
N GLY B 120 21.55 26.24 -7.96
CA GLY B 120 22.65 27.18 -7.77
C GLY B 120 22.23 28.27 -6.82
N ALA B 121 20.94 28.51 -6.63
CA ALA B 121 20.52 29.59 -5.74
C ALA B 121 20.62 29.19 -4.28
N THR B 122 20.91 30.22 -3.48
CA THR B 122 20.80 30.09 -2.03
C THR B 122 19.61 30.97 -1.64
N ILE B 123 18.73 30.37 -0.84
CA ILE B 123 17.58 31.09 -0.30
C ILE B 123 17.84 31.40 1.16
N GLY B 124 17.82 32.70 1.46
CA GLY B 124 18.26 33.16 2.78
C GLY B 124 17.35 32.82 3.93
N ARG B 125 17.86 33.02 5.15
CA ARG B 125 17.13 32.69 6.36
C ARG B 125 15.81 33.45 6.40
N TYR B 126 14.72 32.71 6.64
CA TYR B 126 13.39 33.31 6.79
C TYR B 126 12.94 34.10 5.55
N ALA B 127 13.59 33.83 4.43
CA ALA B 127 13.08 34.38 3.16
C ALA B 127 11.65 33.86 2.94
N PHE B 128 10.95 34.49 2.01
CA PHE B 128 9.61 34.00 1.67
C PHE B 128 9.44 34.11 0.16
N VAL B 129 9.34 32.95 -0.48
CA VAL B 129 9.16 32.87 -1.92
C VAL B 129 7.67 32.71 -2.13
N GLY B 130 7.07 33.70 -2.79
CA GLY B 130 5.63 33.68 -3.06
C GLY B 130 5.17 32.47 -3.87
N ALA B 131 3.92 32.06 -3.68
CA ALA B 131 3.33 30.99 -4.53
C ALA B 131 3.64 31.26 -5.99
N GLY B 132 4.10 30.21 -6.67
CA GLY B 132 4.26 30.26 -8.14
C GLY B 132 5.50 30.98 -8.61
N ALA B 133 6.33 31.56 -7.73
CA ALA B 133 7.48 32.29 -8.23
C ALA B 133 8.53 31.37 -8.88
N VAL B 134 9.38 31.87 -9.76
CA VAL B 134 10.52 31.10 -10.26
C VAL B 134 11.80 31.81 -9.84
N VAL B 135 12.50 31.20 -8.90
CA VAL B 135 13.72 31.80 -8.35
C VAL B 135 14.91 31.42 -9.20
N ASN B 136 15.64 32.39 -9.71
CA ASN B 136 16.86 32.11 -10.47
C ASN B 136 17.99 33.03 -10.04
N LYS B 137 17.93 33.55 -8.81
CA LYS B 137 19.06 34.25 -8.21
C LYS B 137 18.95 34.09 -6.70
N ASP B 138 20.07 34.32 -6.02
CA ASP B 138 20.04 34.23 -4.56
C ASP B 138 18.93 35.12 -3.99
N VAL B 139 18.30 34.64 -2.92
CA VAL B 139 17.26 35.38 -2.22
C VAL B 139 17.84 35.82 -0.86
N PRO B 140 17.91 37.14 -0.62
CA PRO B 140 18.44 37.62 0.68
C PRO B 140 17.66 37.09 1.89
N ASP B 141 18.34 37.03 3.05
CA ASP B 141 17.64 36.70 4.29
C ASP B 141 16.44 37.65 4.45
N PHE B 142 15.32 37.07 4.85
CA PHE B 142 14.08 37.80 5.10
C PHE B 142 13.47 38.42 3.85
N ALA B 143 14.00 38.20 2.64
CA ALA B 143 13.37 38.82 1.46
C ALA B 143 12.07 38.14 1.05
N LEU B 144 11.07 38.95 0.68
CA LEU B 144 9.84 38.47 0.04
C LEU B 144 9.99 38.68 -1.44
N VAL B 145 9.95 37.57 -2.20
CA VAL B 145 10.13 37.67 -3.65
C VAL B 145 8.94 37.00 -4.33
N VAL B 146 8.54 37.56 -5.48
CA VAL B 146 7.39 37.03 -6.21
C VAL B 146 7.66 37.16 -7.70
N GLY B 147 6.95 36.34 -8.49
CA GLY B 147 7.00 36.51 -9.95
C GLY B 147 7.83 35.50 -10.69
N VAL B 148 7.70 35.57 -12.01
CA VAL B 148 8.47 34.75 -12.95
C VAL B 148 9.26 35.66 -13.88
N PRO B 149 10.56 35.79 -13.66
CA PRO B 149 11.37 35.31 -12.53
C PRO B 149 11.14 36.15 -11.27
N ALA B 150 11.57 35.62 -10.12
CA ALA B 150 11.24 36.26 -8.84
C ALA B 150 12.03 37.52 -8.64
N ARG B 151 11.29 38.53 -8.18
CA ARG B 151 11.87 39.84 -7.86
C ARG B 151 11.42 40.18 -6.43
N GLN B 152 12.31 40.88 -5.72
CA GLN B 152 12.03 41.22 -4.34
C GLN B 152 11.06 42.38 -4.25
N ILE B 153 10.05 42.22 -3.42
CA ILE B 153 9.05 43.27 -3.24
C ILE B 153 8.95 43.75 -1.79
N GLY B 154 9.59 43.09 -0.86
CA GLY B 154 9.56 43.58 0.53
C GLY B 154 10.37 42.63 1.39
N TRP B 155 10.10 42.70 2.70
CA TRP B 155 10.84 41.96 3.73
C TRP B 155 9.84 41.34 4.71
N MET B 156 10.11 40.09 5.06
CA MET B 156 9.23 39.32 5.94
C MET B 156 9.90 39.01 7.28
N SER B 157 9.14 39.28 8.34
CA SER B 157 9.59 38.88 9.67
C SER B 157 9.63 37.35 9.80
N ARG B 158 10.33 36.87 10.84
CA ARG B 158 10.23 35.44 11.16
C ARG B 158 8.79 34.96 11.30
N HIS B 159 7.91 35.77 11.88
CA HIS B 159 6.50 35.41 12.07
C HIS B 159 5.80 35.18 10.75
N GLY B 160 6.29 35.87 9.72
CA GLY B 160 5.74 35.75 8.35
C GLY B 160 4.74 36.80 7.96
N GLU B 161 5.01 38.05 8.35
CA GLU B 161 4.25 39.20 7.88
CA GLU B 161 4.27 39.19 7.84
C GLU B 161 5.26 40.28 7.47
N GLN B 162 4.88 41.09 6.48
CA GLN B 162 5.81 42.08 5.98
C GLN B 162 6.20 43.06 7.08
N LEU B 163 7.48 43.40 7.02
CA LEU B 163 8.01 44.45 7.89
C LEU B 163 7.88 45.83 7.29
N ASP B 164 7.74 46.82 8.17
CA ASP B 164 7.65 48.22 7.77
C ASP B 164 9.05 48.78 7.48
N LEU B 165 9.64 48.35 6.38
CA LEU B 165 11.00 48.61 5.93
C LEU B 165 10.84 49.02 4.47
N PRO B 166 11.70 49.94 4.01
CA PRO B 166 11.77 50.23 2.58
C PRO B 166 12.37 49.03 1.88
N LEU B 167 12.09 48.94 0.58
CA LEU B 167 12.67 47.84 -0.14
C LEU B 167 14.19 47.92 -0.11
N ARG B 168 14.77 49.10 -0.27
CA ARG B 168 16.23 49.19 -0.25
C ARG B 168 16.68 50.27 0.74
N GLY B 169 17.97 50.32 1.03
CA GLY B 169 18.46 51.38 1.90
C GLY B 169 18.81 50.99 3.33
N ASN B 170 18.54 51.88 4.28
CA ASN B 170 19.01 51.69 5.64
C ASN B 170 17.85 52.14 6.49
N ALA B 171 17.47 51.28 7.44
CA ALA B 171 16.24 51.51 8.19
C ALA B 171 16.18 50.48 9.31
N GLU B 172 15.17 50.63 10.15
CA GLU B 172 14.91 49.63 11.17
CA GLU B 172 14.91 49.75 11.28
C GLU B 172 13.42 49.45 11.34
N ALA B 173 13.06 48.27 11.86
CA ALA B 173 11.65 48.02 12.06
C ALA B 173 11.52 47.00 13.17
N THR B 174 10.30 46.93 13.69
CA THR B 174 9.98 45.97 14.75
C THR B 174 8.79 45.12 14.34
N CYS B 175 8.87 43.81 14.60
CA CYS B 175 7.73 42.94 14.41
C CYS B 175 6.73 43.23 15.53
N PRO B 176 5.48 43.51 15.19
CA PRO B 176 4.49 43.84 16.22
C PRO B 176 4.07 42.62 17.02
N HIS B 177 4.27 41.40 16.50
CA HIS B 177 3.82 40.21 17.21
C HIS B 177 4.77 39.76 18.29
N THR B 178 6.07 40.05 18.08
CA THR B 178 7.07 39.57 19.03
C THR B 178 7.87 40.72 19.65
N GLY B 179 7.85 41.90 19.05
CA GLY B 179 8.71 43.00 19.43
C GLY B 179 10.15 42.87 18.99
N GLU B 180 10.46 41.83 18.21
CA GLU B 180 11.83 41.72 17.80
C GLU B 180 12.22 42.75 16.75
N ARG B 181 13.47 43.18 16.86
CA ARG B 181 13.95 44.31 16.06
C ARG B 181 14.75 43.81 14.87
N TYR B 182 14.54 44.45 13.72
CA TYR B 182 15.23 44.16 12.46
C TYR B 182 16.00 45.40 12.01
N ILE B 183 17.18 45.16 11.45
CA ILE B 183 17.97 46.29 10.95
C ILE B 183 18.22 46.02 9.47
N LEU B 184 17.91 47.01 8.66
CA LEU B 184 18.26 47.00 7.23
C LEU B 184 19.52 47.85 7.04
N THR B 185 20.59 47.27 6.50
CA THR B 185 21.83 48.01 6.26
C THR B 185 22.25 47.73 4.83
N ASP B 186 22.29 48.80 4.02
CA ASP B 186 22.64 48.69 2.62
C ASP B 186 21.83 47.57 1.99
N GLY B 187 20.55 47.50 2.31
CA GLY B 187 19.67 46.52 1.66
C GLY B 187 19.83 45.06 2.07
N VAL B 188 20.47 44.81 3.20
CA VAL B 188 20.59 43.51 3.82
C VAL B 188 19.87 43.59 5.15
N CYS B 189 18.90 42.71 5.37
CA CYS B 189 18.08 42.68 6.58
C CYS B 189 18.61 41.61 7.54
N ARG B 190 18.66 41.95 8.83
CA ARG B 190 19.03 40.98 9.86
C ARG B 190 18.25 41.26 11.15
N LEU B 191 18.12 40.25 12.00
CA LEU B 191 17.67 40.43 13.37
C LEU B 191 18.73 41.21 14.15
N ALA B 192 18.35 42.25 14.89
CA ALA B 192 19.28 43.07 15.67
C ALA B 192 19.87 42.21 16.77
N GLY C 1 23.42 -6.66 -6.36
CA GLY C 1 22.44 -5.78 -7.06
C GLY C 1 22.33 -6.01 -8.54
N HIS C 2 21.35 -5.34 -9.16
CA HIS C 2 21.13 -5.49 -10.60
C HIS C 2 20.57 -4.16 -11.09
N MET C 3 20.61 -3.96 -12.41
CA MET C 3 20.04 -2.75 -12.99
C MET C 3 18.53 -2.72 -12.74
N ALA C 4 18.02 -1.56 -12.33
CA ALA C 4 16.58 -1.30 -12.32
C ALA C 4 15.91 -1.45 -13.69
N THR C 5 14.72 -2.04 -13.71
CA THR C 5 13.92 -2.14 -14.93
C THR C 5 12.66 -1.28 -14.78
N ILE C 6 11.61 -1.90 -14.27
CA ILE C 6 10.32 -1.32 -14.00
C ILE C 6 10.07 -1.59 -12.54
N HIS C 7 9.91 -0.54 -11.76
CA HIS C 7 9.74 -0.71 -10.33
C HIS C 7 8.48 -1.55 -10.12
N PRO C 8 8.50 -2.48 -9.14
CA PRO C 8 7.34 -3.33 -8.94
C PRO C 8 6.01 -2.63 -8.64
N THR C 9 6.13 -1.39 -8.13
CA THR C 9 4.92 -0.61 -7.85
C THR C 9 4.30 0.10 -9.05
N ALA C 10 5.06 0.12 -10.16
CA ALA C 10 4.45 0.64 -11.38
C ALA C 10 3.35 -0.22 -11.95
N ILE C 11 2.41 0.38 -12.67
CA ILE C 11 1.34 -0.37 -13.31
C ILE C 11 1.44 -0.09 -14.81
N VAL C 12 1.83 -1.11 -15.57
CA VAL C 12 2.01 -0.99 -17.01
C VAL C 12 0.92 -1.83 -17.64
N ASP C 13 -0.08 -1.18 -18.23
CA ASP C 13 -1.30 -1.88 -18.66
C ASP C 13 -1.00 -2.75 -19.89
N GLU C 14 -1.77 -3.84 -20.02
CA GLU C 14 -1.53 -4.80 -21.07
C GLU C 14 -1.62 -4.09 -22.42
N GLY C 15 -0.64 -4.37 -23.27
CA GLY C 15 -0.63 -3.74 -24.59
C GLY C 15 0.46 -2.66 -24.71
N ALA C 16 0.95 -2.11 -23.62
CA ALA C 16 1.93 -1.04 -23.74
C ALA C 16 3.21 -1.58 -24.37
N ARG C 17 3.86 -0.79 -25.23
CA ARG C 17 5.08 -1.23 -25.86
C ARG C 17 6.22 -0.40 -25.27
N ILE C 18 7.14 -1.06 -24.58
CA ILE C 18 8.23 -0.32 -23.96
C ILE C 18 9.56 -0.85 -24.51
N GLY C 19 10.45 0.00 -25.01
CA GLY C 19 11.69 -0.45 -25.63
C GLY C 19 12.68 -0.89 -24.57
N ALA C 20 13.72 -1.57 -25.04
CA ALA C 20 14.75 -2.08 -24.17
C ALA C 20 15.46 -0.98 -23.40
N HIS C 21 15.92 -1.32 -22.20
CA HIS C 21 16.79 -0.48 -21.37
C HIS C 21 16.13 0.79 -20.85
N SER C 22 14.81 0.78 -20.94
CA SER C 22 14.07 1.93 -20.40
C SER C 22 13.86 1.61 -18.93
N ARG C 23 13.84 2.65 -18.12
CA ARG C 23 13.61 2.53 -16.69
CA ARG C 23 13.65 2.56 -16.68
C ARG C 23 12.33 3.26 -16.29
N ILE C 24 11.49 2.58 -15.52
CA ILE C 24 10.19 3.07 -15.10
C ILE C 24 10.22 3.05 -13.57
N TRP C 25 10.04 4.17 -12.91
CA TRP C 25 10.22 4.25 -11.48
C TRP C 25 8.91 4.11 -10.71
N HIS C 26 8.93 4.49 -9.44
CA HIS C 26 7.86 4.16 -8.50
C HIS C 26 6.49 4.72 -8.82
N TRP C 27 5.45 3.90 -8.79
CA TRP C 27 4.07 4.35 -8.89
C TRP C 27 3.83 5.17 -10.16
N VAL C 28 4.38 4.65 -11.25
CA VAL C 28 4.09 5.12 -12.62
C VAL C 28 2.95 4.33 -13.18
N HIS C 29 2.02 4.94 -13.89
CA HIS C 29 0.98 4.22 -14.62
C HIS C 29 1.13 4.54 -16.11
N ILE C 30 1.33 3.49 -16.90
CA ILE C 30 1.38 3.58 -18.36
C ILE C 30 0.15 2.89 -18.95
N CYS C 31 -0.64 3.58 -19.76
CA CYS C 31 -1.84 3.01 -20.41
C CYS C 31 -1.42 2.05 -21.55
N GLY C 32 -2.38 1.18 -21.90
CA GLY C 32 -2.18 0.07 -22.86
C GLY C 32 -1.85 0.47 -24.28
N GLY C 33 -2.27 1.65 -24.70
CA GLY C 33 -2.00 2.08 -26.07
C GLY C 33 -0.64 2.74 -26.26
N ALA C 34 0.06 3.01 -25.17
CA ALA C 34 1.26 3.81 -25.30
C ALA C 34 2.39 3.07 -26.02
N GLU C 35 3.28 3.82 -26.64
CA GLU C 35 4.52 3.30 -27.17
C GLU C 35 5.64 4.17 -26.65
N ILE C 36 6.68 3.54 -26.11
CA ILE C 36 7.83 4.19 -25.48
C ILE C 36 9.07 3.52 -26.04
N GLY C 37 10.05 4.30 -26.47
CA GLY C 37 11.24 3.74 -27.11
C GLY C 37 12.27 3.20 -26.15
N GLU C 38 13.50 3.11 -26.64
CA GLU C 38 14.59 2.48 -25.90
C GLU C 38 15.34 3.50 -25.06
N GLY C 39 15.80 3.11 -23.89
CA GLY C 39 16.73 3.97 -23.16
C GLY C 39 16.01 5.15 -22.49
N CYS C 40 14.70 5.06 -22.29
CA CYS C 40 13.91 6.15 -21.69
C CYS C 40 13.99 6.07 -20.18
N SER C 41 13.66 7.15 -19.47
CA SER C 41 13.57 7.11 -18.01
C SER C 41 12.27 7.80 -17.63
N LEU C 42 11.44 7.17 -16.82
CA LEU C 42 10.16 7.73 -16.37
C LEU C 42 10.14 7.77 -14.87
N GLY C 43 10.10 9.00 -14.31
CA GLY C 43 10.25 9.21 -12.88
C GLY C 43 8.99 8.89 -12.11
N GLN C 44 9.15 9.05 -10.79
CA GLN C 44 8.07 8.79 -9.83
C GLN C 44 6.73 9.42 -10.20
N ASN C 45 5.63 8.67 -10.22
CA ASN C 45 4.29 9.22 -10.45
C ASN C 45 4.11 9.79 -11.86
N VAL C 46 4.94 9.35 -12.79
CA VAL C 46 4.59 9.69 -14.19
C VAL C 46 3.28 9.01 -14.59
N PHE C 47 2.53 9.63 -15.47
CA PHE C 47 1.34 9.02 -16.08
C PHE C 47 1.57 9.06 -17.59
N VAL C 48 1.21 8.01 -18.30
CA VAL C 48 1.30 8.02 -19.77
C VAL C 48 -0.02 7.52 -20.34
N GLY C 49 -0.68 8.31 -21.16
CA GLY C 49 -1.94 7.92 -21.80
C GLY C 49 -1.82 6.90 -22.91
N ASN C 50 -2.96 6.66 -23.55
CA ASN C 50 -3.02 5.67 -24.62
C ASN C 50 -2.51 6.22 -25.93
N ARG C 51 -2.96 7.42 -26.26
CA ARG C 51 -2.68 8.00 -27.57
C ARG C 51 -1.39 8.80 -27.45
N VAL C 52 -0.30 8.06 -27.25
CA VAL C 52 1.01 8.69 -26.92
C VAL C 52 2.11 7.90 -27.61
N ARG C 53 3.05 8.61 -28.25
CA ARG C 53 4.29 7.98 -28.71
C ARG C 53 5.44 8.77 -28.13
N ILE C 54 6.38 8.05 -27.52
CA ILE C 54 7.59 8.60 -26.90
C ILE C 54 8.75 7.90 -27.57
N GLY C 55 9.70 8.67 -28.08
CA GLY C 55 10.85 8.11 -28.80
C GLY C 55 11.91 7.49 -27.89
N ASN C 56 13.15 7.52 -28.36
CA ASN C 56 14.26 6.89 -27.67
C ASN C 56 15.01 7.90 -26.82
N ARG C 57 15.50 7.51 -25.66
CA ARG C 57 16.36 8.31 -24.79
C ARG C 57 15.60 9.56 -24.37
N VAL C 58 14.30 9.41 -24.15
CA VAL C 58 13.47 10.47 -23.60
C VAL C 58 13.51 10.40 -22.08
N LYS C 59 13.82 11.50 -21.41
CA LYS C 59 13.97 11.53 -19.95
C LYS C 59 12.81 12.31 -19.41
N ILE C 60 11.94 11.66 -18.67
CA ILE C 60 10.71 12.23 -18.14
C ILE C 60 10.84 12.22 -16.64
N GLN C 61 10.96 13.39 -16.03
CA GLN C 61 11.16 13.49 -14.60
C GLN C 61 9.88 13.27 -13.82
N ASN C 62 9.99 13.37 -12.49
CA ASN C 62 8.86 13.04 -11.62
C ASN C 62 7.63 13.88 -11.92
N ASN C 63 6.46 13.30 -11.76
CA ASN C 63 5.21 14.05 -11.76
C ASN C 63 4.84 14.70 -13.10
N VAL C 64 5.27 14.08 -14.19
CA VAL C 64 4.83 14.51 -15.54
C VAL C 64 3.77 13.58 -16.06
N SER C 65 2.64 14.14 -16.49
CA SER C 65 1.56 13.40 -17.10
C SER C 65 1.56 13.61 -18.60
N VAL C 66 1.95 12.54 -19.31
CA VAL C 66 2.01 12.60 -20.76
C VAL C 66 0.64 12.12 -21.22
N TYR C 67 -0.31 13.03 -21.29
CA TYR C 67 -1.70 12.72 -21.67
C TYR C 67 -1.81 12.32 -23.14
N ASP C 68 -2.96 11.70 -23.41
CA ASP C 68 -3.36 11.46 -24.81
C ASP C 68 -3.05 12.68 -25.66
N ASN C 69 -2.50 12.44 -26.84
CA ASN C 69 -2.33 13.41 -27.90
C ASN C 69 -1.04 14.20 -27.70
N VAL C 70 -0.14 13.68 -26.87
CA VAL C 70 1.22 14.26 -26.71
C VAL C 70 2.20 13.27 -27.33
N PHE C 71 3.12 13.84 -28.10
CA PHE C 71 4.08 13.05 -28.85
C PHE C 71 5.46 13.61 -28.69
N LEU C 72 6.37 12.76 -28.22
CA LEU C 72 7.73 13.22 -27.83
C LEU C 72 8.76 12.52 -28.69
N GLU C 73 9.52 13.24 -29.47
CA GLU C 73 10.62 12.67 -30.24
C GLU C 73 11.81 12.29 -29.39
N ASP C 74 12.79 11.65 -30.02
CA ASP C 74 14.02 11.17 -29.39
C ASP C 74 14.67 12.34 -28.66
N ASP C 75 15.24 11.99 -27.51
CA ASP C 75 16.16 12.88 -26.80
C ASP C 75 15.42 14.09 -26.19
N VAL C 76 14.10 14.03 -26.07
CA VAL C 76 13.38 15.09 -25.35
C VAL C 76 13.62 14.96 -23.85
N PHE C 77 13.67 16.10 -23.17
CA PHE C 77 13.82 16.10 -21.73
C PHE C 77 12.61 16.80 -21.14
N CYS C 78 11.84 16.13 -20.30
CA CYS C 78 10.68 16.72 -19.61
C CYS C 78 11.10 16.90 -18.17
N GLY C 79 11.27 18.16 -17.77
CA GLY C 79 11.75 18.49 -16.41
C GLY C 79 10.75 18.16 -15.31
N PRO C 80 11.21 18.20 -14.06
CA PRO C 80 10.38 17.85 -12.89
C PRO C 80 9.07 18.59 -12.91
N SER C 81 7.96 17.87 -12.84
CA SER C 81 6.63 18.42 -12.68
C SER C 81 6.27 19.37 -13.80
N MET C 82 6.86 19.27 -14.99
CA MET C 82 6.27 20.00 -16.10
C MET C 82 4.91 19.41 -16.48
N VAL C 83 4.11 20.22 -17.16
CA VAL C 83 2.71 19.90 -17.40
C VAL C 83 2.30 20.04 -18.86
N PHE C 84 1.78 18.95 -19.42
CA PHE C 84 1.13 18.95 -20.75
C PHE C 84 -0.38 19.07 -20.57
N THR C 85 -1.02 19.47 -21.67
CA THR C 85 -2.47 19.53 -21.72
C THR C 85 -2.91 19.03 -23.09
N ASN C 86 -4.19 18.68 -23.21
CA ASN C 86 -4.76 18.22 -24.48
C ASN C 86 -6.10 18.84 -24.80
N VAL C 87 -6.64 19.70 -23.95
CA VAL C 87 -7.89 20.43 -24.25
C VAL C 87 -7.51 21.90 -24.02
N TYR C 88 -7.81 22.76 -24.98
CA TYR C 88 -7.46 24.18 -24.95
C TYR C 88 -8.29 24.98 -23.96
N ASN C 89 -9.61 24.76 -23.96
CA ASN C 89 -10.55 25.58 -23.19
C ASN C 89 -11.52 24.70 -22.39
N PRO C 90 -10.96 23.88 -21.47
CA PRO C 90 -11.77 22.92 -20.74
C PRO C 90 -12.92 23.57 -19.93
N ARG C 91 -14.06 22.92 -20.01
CA ARG C 91 -15.21 23.10 -19.12
C ARG C 91 -15.71 21.73 -18.69
N ALA C 92 -15.96 21.54 -17.40
CA ALA C 92 -16.31 20.21 -16.89
C ALA C 92 -17.59 19.70 -17.55
N ALA C 93 -18.54 20.61 -17.84
CA ALA C 93 -19.83 20.16 -18.38
C ALA C 93 -19.85 20.01 -19.90
N ILE C 94 -18.71 20.17 -20.56
CA ILE C 94 -18.60 20.07 -22.03
C ILE C 94 -17.55 19.05 -22.47
N GLU C 95 -18.02 17.93 -23.00
CA GLU C 95 -17.13 16.85 -23.46
C GLU C 95 -16.32 17.35 -24.66
N ARG C 96 -15.00 17.21 -24.59
CA ARG C 96 -14.14 17.79 -25.61
C ARG C 96 -13.11 16.82 -26.18
N LYS C 97 -13.39 15.53 -26.05
CA LYS C 97 -12.52 14.53 -26.66
C LYS C 97 -12.35 14.76 -28.16
N SER C 98 -13.44 15.11 -28.84
CA SER C 98 -13.39 15.42 -30.27
C SER C 98 -12.62 16.68 -30.65
N GLU C 99 -12.17 17.44 -29.66
CA GLU C 99 -11.55 18.73 -29.94
C GLU C 99 -10.13 18.79 -29.37
N TYR C 100 -9.58 17.64 -28.96
CA TYR C 100 -8.21 17.62 -28.43
C TYR C 100 -7.27 18.22 -29.47
N ARG C 101 -6.20 18.84 -29.00
CA ARG C 101 -5.22 19.37 -29.94
C ARG C 101 -3.95 18.61 -29.63
N ASP C 102 -3.21 18.20 -30.67
CA ASP C 102 -1.94 17.48 -30.49
C ASP C 102 -0.85 18.41 -29.98
N THR C 103 0.02 17.86 -29.16
CA THR C 103 1.19 18.59 -28.75
C THR C 103 2.40 17.79 -29.19
N ILE C 104 3.25 18.38 -30.04
CA ILE C 104 4.37 17.61 -30.58
C ILE C 104 5.64 18.27 -30.12
N VAL C 105 6.52 17.50 -29.50
CA VAL C 105 7.82 17.96 -29.04
C VAL C 105 8.91 17.28 -29.84
N ARG C 106 9.63 18.08 -30.60
CA ARG C 106 10.64 17.59 -31.52
C ARG C 106 11.97 17.25 -30.87
N GLN C 107 12.81 16.55 -31.63
CA GLN C 107 14.02 15.95 -31.10
C GLN C 107 14.86 16.88 -30.27
N GLY C 108 15.27 16.42 -29.09
CA GLY C 108 16.29 17.16 -28.35
C GLY C 108 15.72 18.32 -27.53
N ALA C 109 14.45 18.67 -27.67
CA ALA C 109 13.90 19.82 -26.95
C ALA C 109 13.98 19.56 -25.46
N THR C 110 14.16 20.62 -24.68
CA THR C 110 14.13 20.57 -23.22
C THR C 110 12.97 21.39 -22.68
N LEU C 111 12.17 20.75 -21.82
CA LEU C 111 11.04 21.41 -21.21
C LEU C 111 11.39 21.58 -19.74
N GLY C 112 11.65 22.80 -19.33
CA GLY C 112 12.13 23.04 -17.98
C GLY C 112 11.15 22.64 -16.89
N ALA C 113 11.71 22.46 -15.70
CA ALA C 113 10.93 22.13 -14.53
C ALA C 113 9.73 23.04 -14.35
N ASN C 114 8.56 22.43 -14.14
CA ASN C 114 7.33 23.14 -13.81
C ASN C 114 6.92 24.07 -14.93
N CYS C 115 7.38 23.90 -16.18
CA CYS C 115 6.73 24.64 -17.25
C CYS C 115 5.39 24.00 -17.60
N THR C 116 4.64 24.66 -18.47
CA THR C 116 3.32 24.20 -18.88
C THR C 116 3.23 24.43 -20.37
N VAL C 117 2.72 23.45 -21.11
CA VAL C 117 2.57 23.56 -22.54
C VAL C 117 1.08 23.56 -22.88
N VAL C 118 0.54 24.67 -23.36
CA VAL C 118 -0.85 24.67 -23.83
C VAL C 118 -0.99 23.91 -25.13
N CYS C 119 -1.96 23.01 -25.13
CA CYS C 119 -2.14 22.09 -26.22
C CYS C 119 -2.27 22.78 -27.55
N GLY C 120 -1.68 22.07 -28.50
CA GLY C 120 -1.64 22.57 -29.86
C GLY C 120 -0.30 23.13 -30.27
N ALA C 121 0.52 23.47 -29.28
CA ALA C 121 1.83 24.00 -29.60
C ALA C 121 2.70 22.87 -30.11
N THR C 122 3.59 23.30 -31.00
CA THR C 122 4.70 22.48 -31.42
C THR C 122 5.95 23.12 -30.84
N ILE C 123 6.78 22.28 -30.27
CA ILE C 123 8.07 22.65 -29.67
CA ILE C 123 8.06 22.70 -29.72
C ILE C 123 9.18 22.13 -30.57
N GLY C 124 9.99 23.04 -31.12
CA GLY C 124 10.98 22.66 -32.12
C GLY C 124 12.21 21.92 -31.59
N ARG C 125 12.96 21.42 -32.56
CA ARG C 125 14.13 20.60 -32.26
C ARG C 125 15.05 21.42 -31.39
N TYR C 126 15.53 20.85 -30.29
CA TYR C 126 16.54 21.49 -29.44
C TYR C 126 16.05 22.82 -28.86
N ALA C 127 14.75 23.08 -28.89
CA ALA C 127 14.22 24.23 -28.12
C ALA C 127 14.57 24.10 -26.66
N PHE C 128 14.51 25.20 -25.94
CA PHE C 128 14.73 25.15 -24.50
C PHE C 128 13.68 26.04 -23.83
N VAL C 129 12.79 25.43 -23.07
CA VAL C 129 11.72 26.14 -22.38
C VAL C 129 12.19 26.28 -20.92
N GLY C 130 12.40 27.52 -20.50
CA GLY C 130 12.88 27.80 -19.14
C GLY C 130 11.94 27.25 -18.06
N ALA C 131 12.51 26.97 -16.87
CA ALA C 131 11.70 26.54 -15.75
C ALA C 131 10.53 27.48 -15.55
N GLY C 132 9.36 26.89 -15.33
CA GLY C 132 8.12 27.60 -15.01
C GLY C 132 7.49 28.39 -16.14
N ALA C 133 8.00 28.35 -17.37
CA ALA C 133 7.37 29.13 -18.42
C ALA C 133 6.00 28.54 -18.74
N VAL C 134 5.15 29.34 -19.38
CA VAL C 134 3.89 28.84 -19.93
C VAL C 134 3.93 29.04 -21.41
N VAL C 135 4.06 27.95 -22.15
CA VAL C 135 4.13 28.00 -23.62
C VAL C 135 2.74 27.95 -24.21
N ASN C 136 2.36 29.02 -24.92
CA ASN C 136 1.07 29.05 -25.60
C ASN C 136 1.26 29.44 -27.06
N LYS C 137 2.44 29.28 -27.63
CA LYS C 137 2.59 29.43 -29.06
C LYS C 137 3.75 28.55 -29.48
N ASP C 138 3.81 28.31 -30.78
CA ASP C 138 4.85 27.37 -31.26
C ASP C 138 6.21 27.94 -30.89
N VAL C 139 7.18 27.05 -30.66
CA VAL C 139 8.53 27.42 -30.23
C VAL C 139 9.45 26.94 -31.36
N PRO C 140 10.19 27.86 -31.97
CA PRO C 140 11.09 27.49 -33.07
C PRO C 140 12.22 26.54 -32.65
N ASP C 141 12.77 25.82 -33.62
CA ASP C 141 13.97 25.01 -33.34
C ASP C 141 15.03 25.90 -32.67
N PHE C 142 15.63 25.40 -31.58
CA PHE C 142 16.76 26.08 -30.90
C PHE C 142 16.29 27.29 -30.10
N ALA C 143 15.01 27.64 -30.07
CA ALA C 143 14.64 28.84 -29.33
C ALA C 143 14.70 28.64 -27.83
N LEU C 144 15.21 29.65 -27.14
CA LEU C 144 15.19 29.72 -25.68
C LEU C 144 14.05 30.62 -25.32
N VAL C 145 13.03 30.09 -24.64
CA VAL C 145 11.87 30.86 -24.25
C VAL C 145 11.64 30.83 -22.77
N VAL C 146 11.24 31.95 -22.17
CA VAL C 146 11.01 32.02 -20.71
C VAL C 146 9.77 32.88 -20.43
N GLY C 147 9.15 32.66 -19.26
CA GLY C 147 8.13 33.63 -18.80
C GLY C 147 6.72 33.09 -18.90
N VAL C 148 5.78 33.82 -18.31
CA VAL C 148 4.36 33.53 -18.33
C VAL C 148 3.65 34.70 -18.98
N PRO C 149 3.28 34.61 -20.26
CA PRO C 149 3.51 33.49 -21.17
C PRO C 149 4.93 33.57 -21.72
N ALA C 150 5.34 32.50 -22.38
CA ALA C 150 6.73 32.38 -22.77
C ALA C 150 7.04 33.30 -23.94
N ARG C 151 8.21 33.94 -23.88
CA ARG C 151 8.72 34.78 -24.97
C ARG C 151 10.13 34.33 -25.27
N GLN C 152 10.54 34.47 -26.53
CA GLN C 152 11.88 34.05 -26.89
C GLN C 152 12.90 35.10 -26.52
N ILE C 153 13.95 34.67 -25.86
CA ILE C 153 15.02 35.58 -25.43
C ILE C 153 16.37 35.23 -26.03
N GLY C 154 16.51 34.09 -26.69
CA GLY C 154 17.77 33.67 -27.26
C GLY C 154 17.62 32.39 -28.03
N TRP C 155 18.79 31.82 -28.29
CA TRP C 155 18.88 30.55 -29.01
C TRP C 155 19.83 29.67 -28.21
N MET C 156 19.46 28.40 -28.07
CA MET C 156 20.28 27.44 -27.31
C MET C 156 20.91 26.44 -28.28
N SER C 157 22.20 26.17 -28.12
CA SER C 157 22.84 25.09 -28.87
C SER C 157 22.33 23.69 -28.48
N ARG C 158 22.67 22.69 -29.30
CA ARG C 158 22.35 21.31 -28.92
C ARG C 158 22.94 21.02 -27.51
N HIS C 159 24.17 21.49 -27.26
CA HIS C 159 24.86 21.28 -25.98
C HIS C 159 24.07 21.86 -24.83
N GLY C 160 23.32 22.94 -25.06
CA GLY C 160 22.47 23.55 -24.03
C GLY C 160 23.08 24.81 -23.43
N GLU C 161 23.73 25.63 -24.25
CA GLU C 161 24.20 26.94 -23.80
CA GLU C 161 24.21 26.93 -23.81
C GLU C 161 23.82 27.95 -24.87
N GLN C 162 23.61 29.19 -24.48
CA GLN C 162 23.13 30.14 -25.48
C GLN C 162 24.19 30.40 -26.55
N LEU C 163 23.68 30.61 -27.77
CA LEU C 163 24.52 30.94 -28.92
C LEU C 163 24.57 32.46 -29.09
N ASP C 164 25.70 32.97 -29.60
CA ASP C 164 25.78 34.41 -29.88
C ASP C 164 25.14 34.69 -31.23
N LEU C 165 23.81 34.67 -31.27
CA LEU C 165 23.04 34.92 -32.47
C LEU C 165 21.94 35.90 -32.13
N PRO C 166 21.67 36.85 -33.02
CA PRO C 166 20.56 37.73 -32.74
C PRO C 166 19.24 36.97 -32.86
N LEU C 167 18.15 37.58 -32.39
CA LEU C 167 16.84 36.98 -32.55
C LEU C 167 16.37 36.97 -34.00
N ARG C 168 16.66 38.03 -34.75
CA ARG C 168 16.07 38.14 -36.08
C ARG C 168 17.19 38.37 -37.12
N GLY C 169 16.84 38.17 -38.39
CA GLY C 169 17.77 38.50 -39.47
C GLY C 169 18.63 37.31 -39.83
N ASN C 170 19.78 37.63 -40.40
CA ASN C 170 20.70 36.59 -40.86
C ASN C 170 21.96 36.72 -40.03
N ALA C 171 22.54 35.57 -39.67
CA ALA C 171 23.72 35.55 -38.82
C ALA C 171 24.26 34.11 -38.78
N GLU C 172 25.43 33.97 -38.18
CA GLU C 172 26.05 32.66 -37.96
C GLU C 172 26.66 32.65 -36.59
N ALA C 173 26.73 31.47 -35.96
CA ALA C 173 27.40 31.34 -34.65
C ALA C 173 28.02 29.95 -34.56
N THR C 174 28.95 29.75 -33.62
CA THR C 174 29.56 28.44 -33.44
C THR C 174 29.46 28.07 -31.97
N CYS C 175 29.10 26.82 -31.67
CA CYS C 175 29.16 26.30 -30.30
C CYS C 175 30.62 26.13 -29.90
N PRO C 176 31.04 26.74 -28.77
CA PRO C 176 32.46 26.57 -28.43
C PRO C 176 32.82 25.20 -27.87
N HIS C 177 31.83 24.41 -27.49
CA HIS C 177 32.10 23.11 -26.90
C HIS C 177 32.34 22.02 -27.92
N THR C 178 31.68 22.16 -29.07
CA THR C 178 31.68 21.15 -30.11
C THR C 178 32.27 21.71 -31.40
N GLY C 179 32.29 23.04 -31.55
CA GLY C 179 32.59 23.74 -32.82
C GLY C 179 31.48 23.64 -33.85
N GLU C 180 30.32 23.13 -33.46
CA GLU C 180 29.18 23.02 -34.40
C GLU C 180 28.76 24.40 -34.85
N ARG C 181 28.50 24.51 -36.15
CA ARG C 181 28.07 25.79 -36.70
C ARG C 181 26.56 25.93 -36.85
N TYR C 182 26.03 27.10 -36.54
CA TYR C 182 24.61 27.40 -36.61
C TYR C 182 24.45 28.54 -37.61
N ILE C 183 23.36 28.49 -38.37
CA ILE C 183 23.02 29.53 -39.35
C ILE C 183 21.62 30.06 -39.05
N LEU C 184 21.50 31.37 -38.96
CA LEU C 184 20.22 32.04 -38.80
C LEU C 184 19.87 32.67 -40.13
N THR C 185 18.67 32.35 -40.57
CA THR C 185 18.17 32.83 -41.89
C THR C 185 16.79 33.40 -41.60
N ASP C 186 16.72 34.71 -41.77
CA ASP C 186 15.48 35.45 -41.52
C ASP C 186 14.81 34.98 -40.21
N GLY C 187 15.63 34.95 -39.16
CA GLY C 187 15.11 34.57 -37.86
C GLY C 187 14.83 33.11 -37.54
N VAL C 188 15.26 32.17 -38.37
CA VAL C 188 15.06 30.73 -38.18
C VAL C 188 16.49 30.15 -38.09
N CYS C 189 16.75 29.43 -37.01
CA CYS C 189 18.05 28.84 -36.73
C CYS C 189 18.08 27.39 -37.13
N ARG C 190 19.19 26.99 -37.77
CA ARG C 190 19.48 25.60 -38.10
C ARG C 190 20.93 25.29 -37.82
N LEU C 191 21.16 24.00 -37.60
CA LEU C 191 22.51 23.45 -37.60
C LEU C 191 23.05 23.48 -39.03
N ALA C 192 24.31 23.88 -39.22
CA ALA C 192 24.89 23.96 -40.56
C ALA C 192 25.10 22.56 -41.12
N GLY D 1 -21.76 -51.81 0.19
CA GLY D 1 -21.34 -50.77 1.17
C GLY D 1 -22.54 -50.17 1.89
N HIS D 2 -22.26 -49.24 2.80
CA HIS D 2 -23.34 -48.62 3.56
C HIS D 2 -22.90 -47.20 3.91
N MET D 3 -23.87 -46.40 4.34
CA MET D 3 -23.58 -45.01 4.69
C MET D 3 -22.74 -44.97 5.97
N ALA D 4 -21.70 -44.15 5.94
CA ALA D 4 -20.90 -43.88 7.13
C ALA D 4 -21.70 -43.28 8.29
N THR D 5 -21.37 -43.69 9.52
CA THR D 5 -21.97 -43.17 10.74
C THR D 5 -20.91 -42.48 11.61
N ILE D 6 -20.36 -43.20 12.57
CA ILE D 6 -19.34 -42.68 13.47
C ILE D 6 -18.17 -43.63 13.28
N HIS D 7 -17.07 -43.10 12.80
CA HIS D 7 -15.93 -43.99 12.55
C HIS D 7 -15.54 -44.69 13.85
N PRO D 8 -15.13 -45.97 13.77
CA PRO D 8 -14.76 -46.67 14.99
C PRO D 8 -13.63 -46.06 15.82
N THR D 9 -12.80 -45.23 15.19
CA THR D 9 -11.69 -44.60 15.94
C THR D 9 -12.07 -43.30 16.67
N ALA D 10 -13.29 -42.80 16.42
CA ALA D 10 -13.75 -41.63 17.13
C ALA D 10 -14.02 -41.99 18.59
N ILE D 11 -13.86 -41.04 19.52
CA ILE D 11 -14.16 -41.20 20.92
C ILE D 11 -15.27 -40.20 21.24
N VAL D 12 -16.47 -40.73 21.49
CA VAL D 12 -17.63 -39.92 21.88
C VAL D 12 -17.89 -40.21 23.35
N ASP D 13 -17.52 -39.30 24.23
CA ASP D 13 -17.62 -39.55 25.68
C ASP D 13 -19.07 -39.73 26.13
N GLU D 14 -19.27 -40.61 27.12
CA GLU D 14 -20.60 -40.84 27.68
C GLU D 14 -21.30 -39.54 28.02
N GLY D 15 -22.55 -39.40 27.56
CA GLY D 15 -23.35 -38.23 27.86
C GLY D 15 -23.49 -37.33 26.64
N ALA D 16 -22.61 -37.44 25.65
CA ALA D 16 -22.72 -36.53 24.50
C ALA D 16 -24.02 -36.81 23.76
N ARG D 17 -24.69 -35.76 23.25
CA ARG D 17 -25.92 -35.95 22.52
C ARG D 17 -25.66 -35.63 21.05
N ILE D 18 -25.82 -36.58 20.17
CA ILE D 18 -25.58 -36.40 18.74
CA ILE D 18 -25.58 -36.40 18.75
C ILE D 18 -26.85 -36.73 17.99
N GLY D 19 -27.32 -35.79 17.18
CA GLY D 19 -28.53 -35.99 16.42
C GLY D 19 -28.40 -37.03 15.36
N ALA D 20 -29.56 -37.51 14.91
CA ALA D 20 -29.60 -38.47 13.82
C ALA D 20 -28.90 -38.04 12.54
N HIS D 21 -28.32 -39.00 11.82
CA HIS D 21 -27.78 -38.80 10.48
C HIS D 21 -26.55 -37.91 10.46
N SER D 22 -25.90 -37.79 11.60
CA SER D 22 -24.69 -36.96 11.63
C SER D 22 -23.59 -37.95 11.31
N ARG D 23 -22.51 -37.45 10.72
CA ARG D 23 -21.36 -38.27 10.43
C ARG D 23 -20.15 -37.75 11.21
N ILE D 24 -19.44 -38.64 11.89
CA ILE D 24 -18.32 -38.29 12.74
C ILE D 24 -17.14 -39.09 12.23
N TRP D 25 -16.07 -38.45 11.77
CA TRP D 25 -14.98 -39.06 11.07
C TRP D 25 -13.84 -39.48 11.98
N HIS D 26 -12.72 -39.80 11.34
CA HIS D 26 -11.65 -40.48 12.04
C HIS D 26 -11.02 -39.69 13.17
N TRP D 27 -10.75 -40.33 14.30
CA TRP D 27 -10.03 -39.73 15.42
C TRP D 27 -10.60 -38.38 15.83
N VAL D 28 -11.93 -38.31 15.83
CA VAL D 28 -12.62 -37.21 16.50
C VAL D 28 -12.79 -37.44 17.97
N HIS D 29 -12.67 -36.44 18.83
CA HIS D 29 -13.02 -36.61 20.23
C HIS D 29 -14.12 -35.61 20.56
N ILE D 30 -15.25 -36.10 21.06
CA ILE D 30 -16.36 -35.26 21.53
C ILE D 30 -16.57 -35.48 23.03
N CYS D 31 -16.55 -34.41 23.80
CA CYS D 31 -16.70 -34.51 25.25
C CYS D 31 -18.17 -34.71 25.62
N GLY D 32 -18.36 -35.19 26.85
CA GLY D 32 -19.68 -35.68 27.26
C GLY D 32 -20.75 -34.63 27.46
N GLY D 33 -20.40 -33.36 27.66
CA GLY D 33 -21.45 -32.36 27.78
C GLY D 33 -21.95 -31.80 26.45
N ALA D 34 -21.30 -32.14 25.35
CA ALA D 34 -21.63 -31.51 24.07
C ALA D 34 -23.03 -31.89 23.57
N GLU D 35 -23.69 -31.02 22.81
CA GLU D 35 -24.88 -31.40 22.05
C GLU D 35 -24.60 -30.96 20.63
N ILE D 36 -24.85 -31.88 19.71
CA ILE D 36 -24.63 -31.74 18.28
C ILE D 36 -25.92 -32.13 17.58
N GLY D 37 -26.38 -31.32 16.63
CA GLY D 37 -27.67 -31.62 15.98
C GLY D 37 -27.65 -32.72 14.96
N GLU D 38 -28.74 -32.71 14.19
CA GLU D 38 -28.98 -33.70 13.14
C GLU D 38 -28.26 -33.35 11.84
N GLY D 39 -27.75 -34.33 11.10
CA GLY D 39 -27.23 -34.05 9.77
C GLY D 39 -25.93 -33.25 9.74
N CYS D 40 -25.20 -33.31 10.84
CA CYS D 40 -23.90 -32.62 10.89
C CYS D 40 -22.82 -33.52 10.29
N SER D 41 -21.66 -32.94 10.00
CA SER D 41 -20.48 -33.68 9.54
C SER D 41 -19.30 -33.12 10.31
N LEU D 42 -18.55 -33.97 11.01
CA LEU D 42 -17.37 -33.55 11.77
C LEU D 42 -16.18 -34.31 11.20
N GLY D 43 -15.24 -33.56 10.61
CA GLY D 43 -14.12 -34.18 9.91
C GLY D 43 -13.01 -34.69 10.84
N GLN D 44 -12.00 -35.24 10.20
CA GLN D 44 -10.88 -35.92 10.88
C GLN D 44 -10.29 -35.01 11.96
N ASN D 45 -10.03 -35.53 13.15
CA ASN D 45 -9.35 -34.80 14.20
C ASN D 45 -10.11 -33.63 14.74
N VAL D 46 -11.41 -33.54 14.48
CA VAL D 46 -12.18 -32.52 15.21
C VAL D 46 -12.17 -32.80 16.70
N PHE D 47 -12.26 -31.75 17.50
CA PHE D 47 -12.42 -31.82 18.93
C PHE D 47 -13.66 -31.00 19.29
N VAL D 48 -14.49 -31.49 20.22
CA VAL D 48 -15.64 -30.74 20.69
C VAL D 48 -15.65 -30.78 22.20
N GLY D 49 -15.68 -29.62 22.83
CA GLY D 49 -15.66 -29.51 24.28
C GLY D 49 -17.02 -29.82 24.90
N ASN D 50 -17.02 -29.69 26.22
CA ASN D 50 -18.27 -29.92 26.98
C ASN D 50 -19.33 -28.82 26.86
N ARG D 51 -18.91 -27.57 26.97
CA ARG D 51 -19.84 -26.44 27.02
C ARG D 51 -20.03 -25.92 25.60
N VAL D 52 -20.65 -26.77 24.80
CA VAL D 52 -20.76 -26.52 23.36
C VAL D 52 -22.13 -26.97 22.91
N ARG D 53 -22.76 -26.11 22.12
CA ARG D 53 -23.92 -26.53 21.36
C ARG D 53 -23.66 -26.28 19.89
N ILE D 54 -23.92 -27.29 19.08
CA ILE D 54 -23.77 -27.21 17.62
C ILE D 54 -25.16 -27.58 17.08
N GLY D 55 -25.70 -26.75 16.21
CA GLY D 55 -27.07 -26.95 15.69
C GLY D 55 -27.15 -28.03 14.63
N ASN D 56 -28.14 -27.94 13.73
CA ASN D 56 -28.39 -28.96 12.73
C ASN D 56 -27.71 -28.60 11.41
N ARG D 57 -27.21 -29.60 10.68
CA ARG D 57 -26.68 -29.45 9.33
C ARG D 57 -25.41 -28.58 9.35
N VAL D 58 -24.68 -28.66 10.44
CA VAL D 58 -23.43 -27.88 10.54
C VAL D 58 -22.32 -28.76 9.98
N LYS D 59 -21.49 -28.15 9.12
CA LYS D 59 -20.38 -28.85 8.47
C LYS D 59 -19.09 -28.35 9.07
N ILE D 60 -18.35 -29.22 9.76
CA ILE D 60 -17.11 -28.89 10.45
C ILE D 60 -16.02 -29.70 9.76
N GLN D 61 -15.14 -29.03 9.05
CA GLN D 61 -14.07 -29.72 8.33
C GLN D 61 -12.93 -30.15 9.26
N ASN D 62 -11.92 -30.75 8.66
CA ASN D 62 -10.84 -31.35 9.44
C ASN D 62 -10.15 -30.36 10.39
N ASN D 63 -9.74 -30.83 11.56
CA ASN D 63 -8.80 -30.10 12.42
C ASN D 63 -9.40 -28.84 13.01
N VAL D 64 -10.72 -28.79 13.21
CA VAL D 64 -11.36 -27.72 13.94
C VAL D 64 -11.62 -28.17 15.39
N SER D 65 -11.19 -27.33 16.33
CA SER D 65 -11.46 -27.56 17.74
C SER D 65 -12.54 -26.61 18.22
N VAL D 66 -13.70 -27.20 18.48
CA VAL D 66 -14.85 -26.46 18.94
C VAL D 66 -14.76 -26.47 20.47
N TYR D 67 -14.00 -25.54 21.03
CA TYR D 67 -13.77 -25.46 22.48
C TYR D 67 -15.01 -25.06 23.27
N ASP D 68 -14.92 -25.32 24.58
CA ASP D 68 -15.93 -24.77 25.47
C ASP D 68 -16.22 -23.32 25.16
N ASN D 69 -17.49 -22.96 25.22
CA ASN D 69 -18.01 -21.61 25.09
C ASN D 69 -18.17 -21.15 23.65
N VAL D 70 -18.12 -22.10 22.72
CA VAL D 70 -18.41 -21.87 21.30
C VAL D 70 -19.78 -22.48 20.98
N PHE D 71 -20.64 -21.69 20.32
CA PHE D 71 -22.02 -22.08 20.00
C PHE D 71 -22.26 -21.83 18.54
N LEU D 72 -22.62 -22.89 17.82
CA LEU D 72 -22.78 -22.78 16.37
C LEU D 72 -24.23 -23.07 16.03
N GLU D 73 -24.88 -22.12 15.38
CA GLU D 73 -26.24 -22.31 14.92
C GLU D 73 -26.31 -23.20 13.69
N ASP D 74 -27.54 -23.55 13.30
CA ASP D 74 -27.85 -24.37 12.13
C ASP D 74 -27.13 -23.87 10.89
N ASP D 75 -26.67 -24.79 10.06
CA ASP D 75 -26.17 -24.48 8.72
C ASP D 75 -24.88 -23.69 8.72
N VAL D 76 -24.19 -23.66 9.86
CA VAL D 76 -22.84 -23.08 9.84
C VAL D 76 -21.82 -23.94 9.14
N PHE D 77 -20.86 -23.30 8.48
CA PHE D 77 -19.81 -24.01 7.79
C PHE D 77 -18.47 -23.62 8.43
N CYS D 78 -17.72 -24.57 9.00
CA CYS D 78 -16.42 -24.27 9.59
C CYS D 78 -15.41 -24.92 8.67
N GLY D 79 -14.62 -24.11 7.99
CA GLY D 79 -13.71 -24.57 7.00
C GLY D 79 -12.48 -25.27 7.54
N PRO D 80 -11.72 -25.92 6.63
CA PRO D 80 -10.56 -26.72 7.02
C PRO D 80 -9.66 -25.96 7.97
N SER D 81 -9.39 -26.51 9.14
CA SER D 81 -8.39 -25.98 10.06
C SER D 81 -8.68 -24.56 10.50
N MET D 82 -9.95 -24.17 10.47
CA MET D 82 -10.28 -22.92 11.18
C MET D 82 -10.17 -23.08 12.71
N VAL D 83 -9.96 -21.97 13.41
CA VAL D 83 -9.59 -21.98 14.81
C VAL D 83 -10.49 -21.11 15.64
N PHE D 84 -11.15 -21.70 16.63
CA PHE D 84 -11.87 -21.00 17.71
C PHE D 84 -10.98 -20.81 18.94
N THR D 85 -11.33 -19.84 19.77
CA THR D 85 -10.64 -19.63 21.04
C THR D 85 -11.68 -19.32 22.10
N ASN D 86 -11.30 -19.41 23.36
CA ASN D 86 -12.18 -19.07 24.47
C ASN D 86 -11.53 -18.22 25.56
N VAL D 87 -10.22 -18.01 25.49
CA VAL D 87 -9.56 -17.13 26.43
C VAL D 87 -8.95 -16.00 25.59
N TYR D 88 -9.20 -14.75 25.98
CA TYR D 88 -8.79 -13.60 25.19
C TYR D 88 -7.29 -13.34 25.29
N ASN D 89 -6.75 -13.43 26.49
CA ASN D 89 -5.38 -13.04 26.76
C ASN D 89 -4.68 -14.14 27.56
N PRO D 90 -4.49 -15.31 26.97
CA PRO D 90 -4.00 -16.43 27.78
C PRO D 90 -2.56 -16.21 28.28
N ARG D 91 -2.34 -16.69 29.50
CA ARG D 91 -1.00 -16.78 30.12
C ARG D 91 -0.99 -18.15 30.80
N ALA D 92 0.09 -18.90 30.58
CA ALA D 92 0.13 -20.27 31.09
C ALA D 92 0.03 -20.28 32.61
N ALA D 93 0.57 -19.24 33.26
CA ALA D 93 0.56 -19.26 34.73
C ALA D 93 -0.77 -18.85 35.38
N ILE D 94 -1.73 -18.38 34.60
CA ILE D 94 -2.98 -17.83 35.13
C ILE D 94 -4.16 -18.59 34.52
N GLU D 95 -4.88 -19.40 35.29
CA GLU D 95 -6.01 -20.17 34.73
C GLU D 95 -7.16 -19.22 34.50
N ARG D 96 -7.74 -19.28 33.30
CA ARG D 96 -8.70 -18.24 32.97
C ARG D 96 -10.01 -18.88 32.52
N LYS D 97 -10.21 -20.14 32.92
CA LYS D 97 -11.52 -20.80 32.74
C LYS D 97 -12.67 -19.86 33.12
N SER D 98 -12.53 -19.13 34.22
CA SER D 98 -13.62 -18.31 34.71
C SER D 98 -13.85 -17.03 33.92
N GLU D 99 -12.92 -16.78 32.99
CA GLU D 99 -12.91 -15.52 32.26
C GLU D 99 -13.16 -15.81 30.79
N TYR D 100 -13.61 -17.03 30.52
CA TYR D 100 -13.91 -17.39 29.12
C TYR D 100 -14.88 -16.40 28.50
N ARG D 101 -14.73 -16.15 27.20
CA ARG D 101 -15.66 -15.29 26.45
C ARG D 101 -16.36 -16.19 25.45
N ASP D 102 -17.65 -15.98 25.25
CA ASP D 102 -18.40 -16.83 24.33
C ASP D 102 -18.15 -16.40 22.89
N THR D 103 -18.23 -17.38 22.00
CA THR D 103 -18.17 -17.15 20.56
C THR D 103 -19.48 -17.70 20.02
N ILE D 104 -20.31 -16.85 19.43
CA ILE D 104 -21.61 -17.28 18.90
C ILE D 104 -21.55 -17.09 17.40
N VAL D 105 -21.83 -18.16 16.66
CA VAL D 105 -21.84 -18.07 15.22
C VAL D 105 -23.26 -18.36 14.78
N ARG D 106 -23.86 -17.40 14.11
CA ARG D 106 -25.27 -17.47 13.75
C ARG D 106 -25.51 -18.22 12.44
N GLN D 107 -26.79 -18.52 12.18
CA GLN D 107 -27.16 -19.43 11.13
C GLN D 107 -26.55 -19.11 9.78
N GLY D 108 -26.00 -20.13 9.16
CA GLY D 108 -25.55 -20.00 7.76
C GLY D 108 -24.17 -19.35 7.58
N ALA D 109 -23.60 -18.84 8.66
CA ALA D 109 -22.28 -18.19 8.52
C ALA D 109 -21.28 -19.22 7.99
N THR D 110 -20.33 -18.70 7.22
CA THR D 110 -19.20 -19.46 6.67
C THR D 110 -17.91 -18.94 7.26
N LEU D 111 -17.17 -19.86 7.89
CA LEU D 111 -15.87 -19.53 8.46
C LEU D 111 -14.83 -20.14 7.57
N GLY D 112 -14.13 -19.34 6.77
CA GLY D 112 -13.21 -19.89 5.80
C GLY D 112 -12.04 -20.65 6.38
N ALA D 113 -11.48 -21.45 5.48
CA ALA D 113 -10.33 -22.29 5.82
C ALA D 113 -9.25 -21.49 6.53
N ASN D 114 -8.79 -22.02 7.67
CA ASN D 114 -7.64 -21.47 8.36
C ASN D 114 -7.88 -20.06 8.90
N CYS D 115 -9.14 -19.65 9.02
CA CYS D 115 -9.42 -18.44 9.77
C CYS D 115 -9.31 -18.62 11.27
N THR D 116 -9.29 -17.53 12.03
CA THR D 116 -9.20 -17.64 13.48
C THR D 116 -10.19 -16.66 14.03
N VAL D 117 -10.90 -17.04 15.09
CA VAL D 117 -11.88 -16.12 15.68
C VAL D 117 -11.47 -15.87 17.13
N VAL D 118 -11.12 -14.64 17.44
CA VAL D 118 -10.81 -14.23 18.82
C VAL D 118 -12.11 -14.22 19.63
N CYS D 119 -12.05 -14.89 20.77
CA CYS D 119 -13.24 -15.06 21.57
C CYS D 119 -13.94 -13.77 21.97
N GLY D 120 -15.25 -13.88 22.05
CA GLY D 120 -16.10 -12.74 22.39
C GLY D 120 -16.76 -12.18 21.14
N ALA D 121 -16.28 -12.49 19.95
CA ALA D 121 -16.93 -11.98 18.76
C ALA D 121 -18.20 -12.79 18.50
N THR D 122 -19.19 -12.08 17.96
CA THR D 122 -20.36 -12.73 17.40
C THR D 122 -20.25 -12.63 15.90
N ILE D 123 -20.56 -13.72 15.21
CA ILE D 123 -20.52 -13.80 13.76
C ILE D 123 -21.94 -13.90 13.27
N GLY D 124 -22.40 -12.94 12.46
CA GLY D 124 -23.82 -12.91 12.12
C GLY D 124 -24.29 -13.91 11.07
N ARG D 125 -25.62 -13.94 10.87
CA ARG D 125 -26.27 -14.85 9.96
C ARG D 125 -25.66 -14.67 8.58
N TYR D 126 -25.22 -15.78 7.99
CA TYR D 126 -24.71 -15.76 6.61
C TYR D 126 -23.52 -14.84 6.44
N ALA D 127 -22.81 -14.51 7.53
CA ALA D 127 -21.52 -13.82 7.31
C ALA D 127 -20.59 -14.74 6.54
N PHE D 128 -19.55 -14.12 5.97
CA PHE D 128 -18.55 -14.93 5.27
C PHE D 128 -17.17 -14.43 5.65
N VAL D 129 -16.42 -15.26 6.36
CA VAL D 129 -15.07 -14.92 6.80
C VAL D 129 -14.10 -15.57 5.83
N GLY D 130 -13.35 -14.74 5.11
CA GLY D 130 -12.42 -15.27 4.14
C GLY D 130 -11.40 -16.20 4.73
N ALA D 131 -10.88 -17.06 3.85
CA ALA D 131 -9.79 -17.95 4.25
C ALA D 131 -8.66 -17.17 4.90
N GLY D 132 -8.19 -17.66 6.02
CA GLY D 132 -7.02 -17.07 6.70
C GLY D 132 -7.29 -15.81 7.47
N ALA D 133 -8.52 -15.30 7.50
CA ALA D 133 -8.76 -14.06 8.24
C ALA D 133 -8.64 -14.23 9.74
N VAL D 134 -8.34 -13.15 10.48
CA VAL D 134 -8.38 -13.18 11.92
C VAL D 134 -9.51 -12.25 12.41
N VAL D 135 -10.60 -12.83 12.88
CA VAL D 135 -11.77 -12.03 13.31
C VAL D 135 -11.52 -11.60 14.74
N ASN D 136 -11.53 -10.29 15.00
CA ASN D 136 -11.41 -9.79 16.36
C ASN D 136 -12.46 -8.71 16.65
N LYS D 137 -13.54 -8.68 15.88
CA LYS D 137 -14.70 -7.84 16.21
C LYS D 137 -15.92 -8.50 15.64
N ASP D 138 -17.07 -8.03 16.11
CA ASP D 138 -18.32 -8.63 15.66
C ASP D 138 -18.43 -8.51 14.16
N VAL D 139 -19.00 -9.52 13.52
CA VAL D 139 -19.18 -9.55 12.08
C VAL D 139 -20.68 -9.47 11.81
N PRO D 140 -21.15 -8.41 11.14
CA PRO D 140 -22.57 -8.26 10.86
C PRO D 140 -23.15 -9.39 10.02
N ASP D 141 -24.48 -9.59 10.10
CA ASP D 141 -25.13 -10.52 9.21
C ASP D 141 -24.74 -10.17 7.77
N PHE D 142 -24.41 -11.19 6.99
CA PHE D 142 -24.11 -11.06 5.55
C PHE D 142 -22.78 -10.38 5.26
N ALA D 143 -22.03 -9.97 6.28
CA ALA D 143 -20.78 -9.27 5.96
C ALA D 143 -19.69 -10.19 5.45
N LEU D 144 -19.01 -9.75 4.41
CA LEU D 144 -17.79 -10.41 3.93
C LEU D 144 -16.58 -9.75 4.50
N VAL D 145 -15.77 -10.48 5.28
CA VAL D 145 -14.61 -9.90 5.94
C VAL D 145 -13.37 -10.69 5.57
N VAL D 146 -12.24 -10.03 5.35
CA VAL D 146 -10.99 -10.70 5.00
C VAL D 146 -9.87 -9.97 5.72
N GLY D 147 -8.73 -10.64 5.86
CA GLY D 147 -7.50 -10.00 6.33
C GLY D 147 -7.13 -10.32 7.75
N VAL D 148 -5.91 -9.92 8.13
CA VAL D 148 -5.39 -10.03 9.50
C VAL D 148 -5.08 -8.62 10.00
N PRO D 149 -5.94 -8.03 10.83
CA PRO D 149 -7.22 -8.54 11.30
C PRO D 149 -8.29 -8.34 10.23
N ALA D 150 -9.42 -9.02 10.42
CA ALA D 150 -10.44 -9.00 9.38
C ALA D 150 -11.11 -7.62 9.28
N ARG D 151 -11.29 -7.20 8.05
CA ARG D 151 -12.05 -5.99 7.79
C ARG D 151 -13.14 -6.29 6.78
N GLN D 152 -14.26 -5.57 6.89
CA GLN D 152 -15.35 -5.82 5.97
C GLN D 152 -15.10 -5.18 4.62
N ILE D 153 -15.20 -5.96 3.55
CA ILE D 153 -15.01 -5.46 2.20
C ILE D 153 -16.26 -5.54 1.35
N GLY D 154 -17.33 -6.13 1.85
CA GLY D 154 -18.55 -6.30 1.04
C GLY D 154 -19.60 -7.05 1.84
N TRP D 155 -20.58 -7.54 1.10
CA TRP D 155 -21.67 -8.33 1.66
C TRP D 155 -21.87 -9.57 0.78
N MET D 156 -22.20 -10.69 1.41
CA MET D 156 -22.44 -11.96 0.71
C MET D 156 -23.89 -12.39 0.86
N SER D 157 -24.51 -12.82 -0.24
CA SER D 157 -25.87 -13.37 -0.20
C SER D 157 -25.87 -14.74 0.46
N ARG D 158 -27.05 -15.20 0.81
CA ARG D 158 -27.15 -16.57 1.34
C ARG D 158 -26.46 -17.57 0.44
N HIS D 159 -26.59 -17.43 -0.88
CA HIS D 159 -26.02 -18.38 -1.81
C HIS D 159 -24.50 -18.32 -1.77
N GLY D 160 -23.93 -17.19 -1.35
CA GLY D 160 -22.48 -17.13 -1.29
C GLY D 160 -21.85 -16.30 -2.40
N GLU D 161 -22.55 -15.31 -2.94
CA GLU D 161 -21.97 -14.37 -3.89
C GLU D 161 -22.11 -12.91 -3.47
N GLN D 162 -21.16 -12.06 -3.85
CA GLN D 162 -21.19 -10.69 -3.37
C GLN D 162 -22.43 -9.92 -3.89
N LEU D 163 -22.98 -9.11 -2.99
CA LEU D 163 -24.10 -8.19 -3.26
C LEU D 163 -23.59 -6.80 -3.62
N ASP D 164 -24.28 -6.19 -4.56
CA ASP D 164 -23.93 -4.84 -5.03
C ASP D 164 -24.57 -3.81 -4.11
N LEU D 165 -24.02 -3.70 -2.91
CA LEU D 165 -24.55 -2.88 -1.80
C LEU D 165 -23.36 -2.12 -1.22
N PRO D 166 -23.55 -0.85 -0.88
CA PRO D 166 -22.48 -0.16 -0.20
C PRO D 166 -22.25 -0.70 1.23
N LEU D 167 -21.14 -0.36 1.86
CA LEU D 167 -20.91 -0.76 3.23
C LEU D 167 -21.77 0.01 4.22
N ARG D 168 -22.09 1.27 3.89
CA ARG D 168 -22.81 2.14 4.80
C ARG D 168 -24.09 2.67 4.16
N GLY D 169 -25.00 3.10 5.02
CA GLY D 169 -26.23 3.80 4.61
C GLY D 169 -27.37 2.89 4.20
N ASN D 170 -28.17 3.37 3.23
CA ASN D 170 -29.41 2.70 2.87
C ASN D 170 -29.32 2.30 1.40
N ALA D 171 -29.73 1.07 1.05
CA ALA D 171 -29.75 0.60 -0.34
C ALA D 171 -30.53 -0.69 -0.42
N GLU D 172 -30.69 -1.17 -1.64
CA GLU D 172 -31.27 -2.49 -1.84
C GLU D 172 -30.45 -3.15 -2.94
N ALA D 173 -30.43 -4.48 -2.94
CA ALA D 173 -29.76 -5.20 -4.03
C ALA D 173 -30.36 -6.59 -4.12
N THR D 174 -30.08 -7.26 -5.24
CA THR D 174 -30.47 -8.65 -5.37
C THR D 174 -29.27 -9.58 -5.52
N CYS D 175 -29.44 -10.80 -5.00
CA CYS D 175 -28.42 -11.83 -5.16
C CYS D 175 -28.18 -12.06 -6.67
N PRO D 176 -26.93 -12.00 -7.14
CA PRO D 176 -26.68 -12.22 -8.56
C PRO D 176 -27.00 -13.61 -9.06
N HIS D 177 -27.06 -14.59 -8.17
CA HIS D 177 -27.30 -15.97 -8.56
C HIS D 177 -28.79 -16.30 -8.44
N THR D 178 -29.44 -15.94 -7.34
CA THR D 178 -30.83 -16.31 -7.15
C THR D 178 -31.86 -15.21 -7.38
N GLY D 179 -31.43 -13.95 -7.42
CA GLY D 179 -32.36 -12.84 -7.57
C GLY D 179 -33.03 -12.35 -6.30
N GLU D 180 -32.82 -13.03 -5.17
CA GLU D 180 -33.56 -12.62 -3.99
C GLU D 180 -33.06 -11.29 -3.43
N ARG D 181 -33.96 -10.50 -2.83
CA ARG D 181 -33.67 -9.09 -2.54
C ARG D 181 -33.19 -8.97 -1.09
N TYR D 182 -32.24 -8.05 -0.89
CA TYR D 182 -31.71 -7.64 0.38
C TYR D 182 -31.91 -6.15 0.58
N ILE D 183 -32.11 -5.77 1.83
CA ILE D 183 -32.28 -4.37 2.18
C ILE D 183 -31.16 -3.98 3.13
N LEU D 184 -30.47 -2.89 2.82
CA LEU D 184 -29.49 -2.29 3.73
C LEU D 184 -30.11 -1.07 4.38
N THR D 185 -30.13 -1.07 5.70
CA THR D 185 -30.65 0.13 6.39
C THR D 185 -29.61 0.51 7.45
N ASP D 186 -29.14 1.73 7.33
CA ASP D 186 -28.08 2.26 8.20
C ASP D 186 -26.95 1.25 8.37
N GLY D 187 -26.49 0.72 7.22
CA GLY D 187 -25.35 -0.20 7.27
C GLY D 187 -25.59 -1.60 7.84
N VAL D 188 -26.84 -2.05 8.00
CA VAL D 188 -27.23 -3.37 8.44
C VAL D 188 -28.02 -4.02 7.31
N CYS D 189 -27.59 -5.22 6.92
CA CYS D 189 -28.15 -5.92 5.77
C CYS D 189 -29.10 -6.99 6.28
N ARG D 190 -30.29 -7.08 5.68
CA ARG D 190 -31.25 -8.13 5.95
C ARG D 190 -31.87 -8.65 4.67
N LEU D 191 -32.34 -9.88 4.71
CA LEU D 191 -33.14 -10.42 3.63
C LEU D 191 -34.51 -9.73 3.64
N ALA D 192 -34.97 -9.29 2.48
CA ALA D 192 -36.32 -8.73 2.38
C ALA D 192 -37.35 -9.85 2.48
N MET E 3 3.16 -39.06 38.86
CA MET E 3 3.81 -39.22 37.52
C MET E 3 2.89 -38.64 36.46
N ALA E 4 3.46 -38.20 35.34
CA ALA E 4 2.63 -37.65 34.27
C ALA E 4 1.50 -38.61 33.92
N THR E 5 0.31 -38.06 33.66
CA THR E 5 -0.80 -38.84 33.16
C THR E 5 -0.85 -38.82 31.62
N ILE E 6 -0.85 -39.98 31.00
CA ILE E 6 -0.76 -40.14 29.55
C ILE E 6 -2.03 -40.81 29.03
N HIS E 7 -2.73 -40.17 28.11
CA HIS E 7 -3.96 -40.75 27.62
C HIS E 7 -3.65 -42.09 26.94
N PRO E 8 -4.50 -43.12 27.07
CA PRO E 8 -4.13 -44.39 26.44
C PRO E 8 -3.89 -44.36 24.94
N THR E 9 -4.45 -43.36 24.26
CA THR E 9 -4.30 -43.27 22.81
C THR E 9 -3.02 -42.53 22.40
N ALA E 10 -2.33 -41.91 23.36
CA ALA E 10 -1.08 -41.20 23.09
C ALA E 10 0.04 -42.23 22.94
N ILE E 11 1.06 -41.83 22.19
CA ILE E 11 2.23 -42.70 22.00
C ILE E 11 3.44 -41.91 22.46
N VAL E 12 4.05 -42.29 23.59
CA VAL E 12 5.25 -41.68 24.10
C VAL E 12 6.41 -42.66 23.91
N ASP E 13 7.35 -42.30 23.04
CA ASP E 13 8.40 -43.25 22.64
C ASP E 13 9.40 -43.40 23.77
N GLU E 14 10.01 -44.58 23.83
CA GLU E 14 10.98 -44.89 24.86
C GLU E 14 12.13 -43.89 24.83
N GLY E 15 12.52 -43.41 26.00
CA GLY E 15 13.54 -42.38 26.12
C GLY E 15 12.95 -41.03 26.53
N ALA E 16 11.69 -40.79 26.21
CA ALA E 16 11.17 -39.43 26.44
C ALA E 16 11.07 -39.19 27.95
N ARG E 17 11.33 -37.95 28.38
CA ARG E 17 11.27 -37.59 29.79
C ARG E 17 10.10 -36.63 29.93
N ILE E 18 9.13 -36.94 30.79
CA ILE E 18 7.99 -36.06 31.02
C ILE E 18 7.86 -35.86 32.53
N GLY E 19 7.91 -34.63 33.01
CA GLY E 19 7.88 -34.40 34.45
C GLY E 19 6.56 -34.65 35.16
N ALA E 20 6.67 -34.74 36.49
CA ALA E 20 5.50 -34.95 37.31
C ALA E 20 4.37 -33.94 37.06
N HIS E 21 3.13 -34.41 37.18
CA HIS E 21 1.92 -33.58 37.18
C HIS E 21 1.58 -33.09 35.76
N SER E 22 2.34 -33.58 34.78
CA SER E 22 1.99 -33.24 33.38
C SER E 22 0.86 -34.10 32.86
N ARG E 23 0.14 -33.61 31.85
CA ARG E 23 -1.01 -34.28 31.27
C ARG E 23 -0.84 -34.31 29.75
N ILE E 24 -0.93 -35.50 29.16
CA ILE E 24 -0.75 -35.73 27.73
C ILE E 24 -2.08 -36.24 27.25
N TRP E 25 -2.74 -35.53 26.34
CA TRP E 25 -4.09 -35.85 25.91
C TRP E 25 -4.11 -36.75 24.67
N HIS E 26 -5.27 -36.84 24.02
CA HIS E 26 -5.54 -37.86 23.02
C HIS E 26 -4.67 -37.77 21.78
N TRP E 27 -4.15 -38.92 21.33
CA TRP E 27 -3.45 -39.04 20.07
C TRP E 27 -2.28 -38.04 19.92
N VAL E 28 -1.54 -37.90 21.02
CA VAL E 28 -0.32 -37.11 21.02
C VAL E 28 0.83 -38.07 20.71
N HIS E 29 1.82 -37.68 19.92
CA HIS E 29 3.04 -38.46 19.75
C HIS E 29 4.23 -37.66 20.21
N ILE E 30 4.97 -38.20 21.17
CA ILE E 30 6.18 -37.60 21.70
C ILE E 30 7.35 -38.53 21.37
N CYS E 31 8.34 -37.97 20.72
CA CYS E 31 9.56 -38.74 20.35
C CYS E 31 10.48 -38.96 21.55
N GLY E 32 11.33 -39.97 21.34
CA GLY E 32 12.17 -40.42 22.47
C GLY E 32 13.24 -39.49 22.97
N GLY E 33 13.68 -38.48 22.21
CA GLY E 33 14.65 -37.55 22.78
C GLY E 33 14.05 -36.40 23.58
N ALA E 34 12.73 -36.26 23.49
CA ALA E 34 12.07 -35.07 24.06
C ALA E 34 12.28 -34.99 25.58
N GLU E 35 12.39 -33.76 26.11
CA GLU E 35 12.40 -33.54 27.55
C GLU E 35 11.31 -32.51 27.82
N ILE E 36 10.38 -32.85 28.70
CA ILE E 36 9.21 -32.02 29.04
C ILE E 36 9.18 -31.88 30.56
N GLY E 37 8.98 -30.68 31.10
CA GLY E 37 9.03 -30.52 32.54
C GLY E 37 7.75 -30.88 33.27
N GLU E 38 7.65 -30.32 34.48
CA GLU E 38 6.55 -30.63 35.39
C GLU E 38 5.33 -29.77 35.08
N GLY E 39 4.13 -30.34 35.22
CA GLY E 39 2.90 -29.53 35.20
C GLY E 39 2.55 -29.04 33.81
N CYS E 40 3.11 -29.66 32.78
CA CYS E 40 2.73 -29.26 31.41
C CYS E 40 1.40 -29.88 30.97
N SER E 41 0.77 -29.34 29.92
CA SER E 41 -0.43 -29.92 29.35
C SER E 41 -0.23 -29.95 27.85
N LEU E 42 -0.39 -31.11 27.20
CA LEU E 42 -0.23 -31.24 25.74
C LEU E 42 -1.55 -31.72 25.17
N GLY E 43 -2.22 -30.90 24.36
CA GLY E 43 -3.54 -31.22 23.90
C GLY E 43 -3.59 -32.19 22.75
N GLN E 44 -4.80 -32.38 22.22
CA GLN E 44 -5.09 -33.39 21.20
C GLN E 44 -4.17 -33.21 19.98
N ASN E 45 -3.55 -34.29 19.52
CA ASN E 45 -2.80 -34.32 18.28
C ASN E 45 -1.54 -33.47 18.37
N VAL E 46 -1.05 -33.16 19.57
CA VAL E 46 0.27 -32.54 19.65
C VAL E 46 1.32 -33.52 19.10
N PHE E 47 2.41 -32.99 18.55
CA PHE E 47 3.59 -33.78 18.16
C PHE E 47 4.75 -33.11 18.84
N VAL E 48 5.69 -33.90 19.37
CA VAL E 48 6.91 -33.34 19.93
C VAL E 48 8.08 -34.14 19.38
N GLY E 49 9.05 -33.45 18.81
CA GLY E 49 10.21 -34.10 18.20
C GLY E 49 11.26 -34.51 19.21
N ASN E 50 12.36 -35.04 18.68
CA ASN E 50 13.47 -35.47 19.55
C ASN E 50 14.31 -34.36 20.16
N ARG E 51 14.77 -33.41 19.36
CA ARG E 51 15.67 -32.37 19.84
C ARG E 51 14.85 -31.19 20.37
N VAL E 52 14.15 -31.45 21.46
CA VAL E 52 13.15 -30.51 21.99
C VAL E 52 13.29 -30.47 23.49
N ARG E 53 13.32 -29.27 24.04
CA ARG E 53 13.25 -29.10 25.51
C ARG E 53 12.09 -28.16 25.78
N ILE E 54 11.19 -28.61 26.65
CA ILE E 54 10.02 -27.86 27.11
C ILE E 54 10.13 -27.79 28.64
N GLY E 55 10.03 -26.58 29.17
CA GLY E 55 10.12 -26.31 30.62
C GLY E 55 8.93 -26.77 31.42
N ASN E 56 8.75 -26.14 32.58
CA ASN E 56 7.64 -26.42 33.49
C ASN E 56 6.41 -25.55 33.20
N ARG E 57 5.24 -26.16 33.36
CA ARG E 57 3.96 -25.47 33.33
C ARG E 57 3.79 -24.82 31.96
N VAL E 58 4.26 -25.52 30.93
CA VAL E 58 4.01 -25.10 29.55
C VAL E 58 2.68 -25.66 29.10
N LYS E 59 1.81 -24.82 28.53
CA LYS E 59 0.51 -25.30 28.06
CA LYS E 59 0.50 -25.25 28.06
C LYS E 59 0.53 -25.29 26.54
N ILE E 60 0.35 -26.47 25.96
CA ILE E 60 0.44 -26.64 24.50
C ILE E 60 -0.93 -27.09 24.07
N GLN E 61 -1.65 -26.24 23.35
CA GLN E 61 -3.01 -26.53 22.94
C GLN E 61 -3.02 -27.51 21.76
N ASN E 62 -4.22 -27.83 21.29
CA ASN E 62 -4.45 -28.87 20.28
C ASN E 62 -3.65 -28.52 19.01
N ASN E 63 -3.11 -29.54 18.33
CA ASN E 63 -2.63 -29.38 16.95
C ASN E 63 -1.34 -28.58 16.82
N VAL E 64 -0.58 -28.55 17.90
CA VAL E 64 0.73 -27.90 17.87
C VAL E 64 1.83 -28.94 17.65
N SER E 65 2.71 -28.74 16.66
CA SER E 65 3.84 -29.62 16.42
C SER E 65 5.11 -28.91 16.87
N VAL E 66 5.72 -29.41 17.95
CA VAL E 66 6.94 -28.82 18.51
C VAL E 66 8.08 -29.60 17.89
N TYR E 67 8.58 -29.15 16.75
CA TYR E 67 9.62 -29.88 16.03
C TYR E 67 10.97 -29.73 16.68
N ASP E 68 11.87 -30.58 16.18
CA ASP E 68 13.30 -30.46 16.52
C ASP E 68 13.78 -29.01 16.47
N ASN E 69 14.59 -28.60 17.44
CA ASN E 69 15.26 -27.31 17.58
C ASN E 69 14.38 -26.18 18.08
N VAL E 70 13.23 -26.57 18.63
CA VAL E 70 12.33 -25.66 19.35
C VAL E 70 12.58 -25.81 20.85
N PHE E 71 12.82 -24.69 21.53
CA PHE E 71 13.05 -24.68 23.00
C PHE E 71 12.03 -23.76 23.68
N LEU E 72 11.24 -24.35 24.57
CA LEU E 72 10.20 -23.59 25.29
C LEU E 72 10.59 -23.51 26.76
N GLU E 73 10.81 -22.30 27.24
CA GLU E 73 11.06 -22.07 28.66
C GLU E 73 9.79 -22.22 29.48
N ASP E 74 9.91 -22.00 30.79
CA ASP E 74 8.79 -22.28 31.69
C ASP E 74 7.64 -21.33 31.37
N ASP E 75 6.41 -21.77 31.62
CA ASP E 75 5.26 -20.85 31.63
C ASP E 75 4.91 -20.33 30.23
N VAL E 76 5.41 -20.99 29.19
CA VAL E 76 5.04 -20.56 27.84
C VAL E 76 3.67 -21.16 27.50
N PHE E 77 2.89 -20.39 26.73
CA PHE E 77 1.55 -20.77 26.27
C PHE E 77 1.60 -20.88 24.74
N CYS E 78 1.31 -22.06 24.22
CA CYS E 78 1.20 -22.29 22.78
C CYS E 78 -0.25 -22.47 22.44
N GLY E 79 -0.82 -21.47 21.76
CA GLY E 79 -2.26 -21.52 21.55
C GLY E 79 -2.67 -22.51 20.49
N PRO E 80 -3.99 -22.69 20.34
CA PRO E 80 -4.57 -23.71 19.45
C PRO E 80 -3.97 -23.59 18.06
N SER E 81 -3.43 -24.70 17.54
CA SER E 81 -3.01 -24.77 16.15
C SER E 81 -1.91 -23.76 15.81
N MET E 82 -1.16 -23.25 16.79
CA MET E 82 0.00 -22.44 16.37
C MET E 82 1.07 -23.37 15.80
N VAL E 83 1.99 -22.79 15.03
CA VAL E 83 2.89 -23.55 14.18
C VAL E 83 4.35 -23.12 14.35
N PHE E 84 5.20 -24.07 14.70
CA PHE E 84 6.65 -23.85 14.71
C PHE E 84 7.26 -24.43 13.42
N THR E 85 8.49 -24.03 13.12
CA THR E 85 9.24 -24.51 11.97
C THR E 85 10.70 -24.68 12.40
N ASN E 86 11.43 -25.44 11.61
CA ASN E 86 12.87 -25.57 11.87
C ASN E 86 13.71 -25.48 10.60
N VAL E 87 13.12 -25.50 9.41
CA VAL E 87 13.87 -25.24 8.19
C VAL E 87 13.35 -23.94 7.58
N TYR E 88 14.26 -23.02 7.30
CA TYR E 88 13.91 -21.66 6.84
C TYR E 88 13.34 -21.67 5.41
N ASN E 89 13.97 -22.46 4.55
CA ASN E 89 13.73 -22.43 3.12
C ASN E 89 13.58 -23.83 2.58
N PRO E 90 12.53 -24.58 2.98
CA PRO E 90 12.46 -25.99 2.65
C PRO E 90 12.27 -26.21 1.15
N ARG E 91 12.93 -27.27 0.67
CA ARG E 91 12.72 -27.81 -0.68
C ARG E 91 12.67 -29.32 -0.53
N ALA E 92 11.69 -29.97 -1.13
CA ALA E 92 11.54 -31.40 -0.88
C ALA E 92 12.78 -32.15 -1.35
N ALA E 93 13.44 -31.63 -2.39
CA ALA E 93 14.57 -32.38 -2.99
C ALA E 93 15.83 -32.20 -2.18
N ILE E 94 15.89 -31.33 -1.17
CA ILE E 94 17.14 -31.03 -0.47
C ILE E 94 16.96 -31.24 1.03
N GLU E 95 17.62 -32.24 1.62
CA GLU E 95 17.41 -32.46 3.06
C GLU E 95 18.17 -31.38 3.80
N ARG E 96 17.50 -30.78 4.76
CA ARG E 96 18.09 -29.65 5.44
C ARG E 96 18.14 -29.86 6.94
N LYS E 97 18.20 -31.13 7.37
CA LYS E 97 18.43 -31.38 8.80
C LYS E 97 19.68 -30.66 9.31
N SER E 98 20.74 -30.66 8.52
CA SER E 98 21.99 -29.99 8.87
C SER E 98 21.87 -28.50 9.15
N GLU E 99 20.80 -27.89 8.61
CA GLU E 99 20.66 -26.46 8.52
C GLU E 99 19.52 -25.95 9.38
N TYR E 100 19.02 -26.77 10.29
CA TYR E 100 17.91 -26.34 11.14
C TYR E 100 18.30 -25.07 11.88
N ARG E 101 17.33 -24.19 12.08
CA ARG E 101 17.57 -22.97 12.85
C ARG E 101 16.75 -23.10 14.15
N ASP E 102 17.29 -22.62 15.25
CA ASP E 102 16.63 -22.80 16.53
C ASP E 102 15.51 -21.78 16.66
N THR E 103 14.48 -22.18 17.41
CA THR E 103 13.45 -21.25 17.85
C THR E 103 13.44 -21.28 19.37
N ILE E 104 13.67 -20.15 20.01
CA ILE E 104 13.71 -20.10 21.47
C ILE E 104 12.57 -19.22 21.95
N VAL E 105 11.69 -19.81 22.77
CA VAL E 105 10.58 -19.03 23.36
C VAL E 105 10.85 -18.91 24.86
N ARG E 106 11.03 -17.67 25.30
CA ARG E 106 11.44 -17.38 26.67
C ARG E 106 10.27 -17.38 27.63
N GLN E 107 10.60 -17.45 28.94
CA GLN E 107 9.62 -17.66 29.97
C GLN E 107 8.38 -16.75 29.87
N GLY E 108 7.22 -17.37 29.97
CA GLY E 108 5.96 -16.63 30.11
C GLY E 108 5.43 -16.14 28.77
N ALA E 109 6.16 -16.27 27.65
CA ALA E 109 5.61 -15.78 26.39
C ALA E 109 4.33 -16.56 26.03
N THR E 110 3.45 -15.86 25.33
CA THR E 110 2.20 -16.41 24.79
C THR E 110 2.26 -16.33 23.28
N LEU E 111 1.98 -17.49 22.68
CA LEU E 111 1.95 -17.61 21.24
C LEU E 111 0.47 -17.82 20.91
N GLY E 112 -0.17 -16.82 20.29
CA GLY E 112 -1.59 -16.85 20.02
C GLY E 112 -2.01 -17.95 19.05
N ALA E 113 -3.30 -18.28 19.17
CA ALA E 113 -3.91 -19.29 18.33
C ALA E 113 -3.57 -19.07 16.88
N ASN E 114 -3.08 -20.12 16.22
CA ASN E 114 -2.89 -20.10 14.76
C ASN E 114 -1.82 -19.11 14.36
N CYS E 115 -0.97 -18.67 15.28
CA CYS E 115 0.24 -17.95 14.83
C CYS E 115 1.30 -18.94 14.24
N THR E 116 2.31 -18.37 13.59
CA THR E 116 3.38 -19.16 12.96
C THR E 116 4.67 -18.47 13.31
N VAL E 117 5.69 -19.26 13.63
CA VAL E 117 6.98 -18.65 13.94
C VAL E 117 8.01 -19.19 12.97
N VAL E 118 8.57 -18.31 12.15
CA VAL E 118 9.65 -18.71 11.25
C VAL E 118 10.89 -19.02 12.08
N CYS E 119 11.53 -20.14 11.79
CA CYS E 119 12.71 -20.53 12.57
C CYS E 119 13.84 -19.51 12.56
N GLY E 120 14.55 -19.47 13.68
CA GLY E 120 15.64 -18.55 13.90
C GLY E 120 15.20 -17.49 14.87
N ALA E 121 13.90 -17.24 15.04
CA ALA E 121 13.50 -16.16 15.95
C ALA E 121 13.61 -16.57 17.41
N THR E 122 13.86 -15.56 18.25
CA THR E 122 13.73 -15.68 19.67
C THR E 122 12.56 -14.82 20.10
N ILE E 123 11.69 -15.43 20.90
CA ILE E 123 10.51 -14.75 21.42
C ILE E 123 10.80 -14.41 22.88
N GLY E 124 10.74 -13.13 23.23
CA GLY E 124 11.21 -12.69 24.54
C GLY E 124 10.25 -13.02 25.68
N ARG E 125 10.74 -12.87 26.91
CA ARG E 125 9.98 -13.17 28.12
C ARG E 125 8.67 -12.40 28.14
N TYR E 126 7.58 -13.11 28.38
CA TYR E 126 6.24 -12.53 28.48
C TYR E 126 5.83 -11.72 27.24
N ALA E 127 6.48 -11.97 26.11
CA ALA E 127 5.95 -11.43 24.85
C ALA E 127 4.52 -12.00 24.63
N PHE E 128 3.80 -11.38 23.71
CA PHE E 128 2.46 -11.85 23.36
C PHE E 128 2.34 -11.73 21.85
N VAL E 129 2.25 -12.87 21.19
CA VAL E 129 2.07 -12.93 19.73
C VAL E 129 0.58 -13.08 19.48
N GLY E 130 -0.03 -12.10 18.82
CA GLY E 130 -1.48 -12.17 18.62
C GLY E 130 -1.89 -13.36 17.77
N ALA E 131 -3.14 -13.78 17.94
CA ALA E 131 -3.68 -14.83 17.07
C ALA E 131 -3.39 -14.57 15.61
N GLY E 132 -2.94 -15.62 14.92
CA GLY E 132 -2.77 -15.53 13.47
C GLY E 132 -1.54 -14.80 13.03
N ALA E 133 -0.70 -14.25 13.93
CA ALA E 133 0.47 -13.51 13.45
C ALA E 133 1.52 -14.40 12.78
N VAL E 134 2.35 -13.88 11.91
CA VAL E 134 3.50 -14.64 11.42
C VAL E 134 4.78 -13.96 11.86
N VAL E 135 5.47 -14.56 12.81
CA VAL E 135 6.67 -13.96 13.36
C VAL E 135 7.86 -14.35 12.51
N ASN E 136 8.58 -13.35 12.02
CA ASN E 136 9.80 -13.61 11.24
C ASN E 136 10.95 -12.72 11.68
N LYS E 137 10.88 -12.20 12.91
CA LYS E 137 12.01 -11.46 13.51
C LYS E 137 11.90 -11.63 15.01
N ASP E 138 13.01 -11.37 15.68
CA ASP E 138 12.97 -11.52 17.15
C ASP E 138 11.86 -10.66 17.74
N VAL E 139 11.23 -11.13 18.81
CA VAL E 139 10.20 -10.41 19.52
C VAL E 139 10.74 -9.97 20.91
N PRO E 140 10.81 -8.66 21.17
CA PRO E 140 11.35 -8.25 22.48
C PRO E 140 10.57 -8.78 23.67
N ASP E 141 11.22 -8.86 24.84
CA ASP E 141 10.48 -9.12 26.08
C ASP E 141 9.28 -8.20 26.21
N PHE E 142 8.14 -8.76 26.59
CA PHE E 142 6.91 -8.02 26.83
C PHE E 142 6.31 -7.40 25.57
N ALA E 143 6.88 -7.62 24.39
CA ALA E 143 6.26 -7.04 23.19
C ALA E 143 4.96 -7.70 22.75
N LEU E 144 3.97 -6.88 22.39
CA LEU E 144 2.73 -7.34 21.76
C LEU E 144 2.90 -7.17 20.27
N VAL E 145 2.90 -8.26 19.51
CA VAL E 145 3.08 -8.20 18.05
C VAL E 145 1.86 -8.84 17.38
N VAL E 146 1.44 -8.28 16.25
CA VAL E 146 0.32 -8.81 15.48
C VAL E 146 0.60 -8.62 14.00
N GLY E 147 -0.08 -9.43 13.20
CA GLY E 147 -0.03 -9.24 11.74
C GLY E 147 0.78 -10.26 10.98
N VAL E 148 0.67 -10.18 9.65
CA VAL E 148 1.46 -10.99 8.71
C VAL E 148 2.26 -10.05 7.81
N PRO E 149 3.57 -9.93 8.05
CA PRO E 149 4.34 -10.44 9.18
C PRO E 149 4.09 -9.61 10.44
N ALA E 150 4.51 -10.14 11.58
CA ALA E 150 4.21 -9.50 12.85
C ALA E 150 4.99 -8.20 13.01
N ARG E 151 4.24 -7.25 13.55
CA ARG E 151 4.81 -5.93 13.88
C ARG E 151 4.38 -5.60 15.31
N GLN E 152 5.25 -4.91 16.05
CA GLN E 152 4.94 -4.58 17.43
C GLN E 152 3.99 -3.41 17.51
N ILE E 153 2.94 -3.57 18.29
CA ILE E 153 1.95 -2.52 18.46
C ILE E 153 1.84 -2.07 19.92
N GLY E 154 2.49 -2.74 20.85
CA GLY E 154 2.35 -2.34 22.25
C GLY E 154 3.22 -3.21 23.12
N TRP E 155 2.94 -3.18 24.43
CA TRP E 155 3.69 -3.93 25.44
C TRP E 155 2.66 -4.56 26.38
N MET E 156 2.88 -5.83 26.70
CA MET E 156 2.03 -6.59 27.59
C MET E 156 2.72 -6.89 28.93
N SER E 157 1.95 -6.65 29.98
CA SER E 157 2.37 -7.07 31.31
C SER E 157 2.43 -8.58 31.46
N ARG E 158 3.13 -9.02 32.52
CA ARG E 158 3.05 -10.46 32.85
C ARG E 158 1.60 -10.94 32.95
N HIS E 159 0.71 -10.13 33.52
CA HIS E 159 -0.69 -10.50 33.71
C HIS E 159 -1.37 -10.72 32.37
N GLY E 160 -0.90 -10.04 31.33
CA GLY E 160 -1.46 -10.20 29.98
C GLY E 160 -2.43 -9.09 29.61
N GLU E 161 -2.15 -7.85 30.00
CA GLU E 161 -2.95 -6.73 29.55
CA GLU E 161 -2.94 -6.73 29.49
C GLU E 161 -1.95 -5.66 29.12
N GLN E 162 -2.32 -4.82 28.16
CA GLN E 162 -1.36 -3.84 27.67
C GLN E 162 -0.95 -2.82 28.75
N LEU E 163 0.32 -2.47 28.70
CA LEU E 163 0.84 -1.41 29.57
C LEU E 163 0.79 -0.05 28.88
N ASP E 164 0.62 0.97 29.71
CA ASP E 164 0.60 2.34 29.19
C ASP E 164 2.02 2.88 29.02
N LEU E 165 2.66 2.43 27.94
CA LEU E 165 4.04 2.68 27.54
C LEU E 165 4.09 2.96 26.06
N PRO E 166 4.90 3.92 25.63
CA PRO E 166 5.08 4.09 24.18
C PRO E 166 5.89 2.97 23.53
N LEU E 167 5.91 2.85 22.21
CA LEU E 167 6.77 1.86 21.57
C LEU E 167 8.26 2.09 21.76
N ARG E 168 8.67 3.35 21.61
CA ARG E 168 10.09 3.67 21.67
C ARG E 168 10.39 4.73 22.74
N GLY E 169 11.67 4.91 23.06
CA GLY E 169 12.10 5.96 23.99
C GLY E 169 12.05 5.42 25.41
N ASN E 170 11.81 6.32 26.36
CA ASN E 170 11.96 6.02 27.78
C ASN E 170 10.66 6.33 28.49
N ALA E 171 10.21 5.41 29.34
CA ALA E 171 8.98 5.65 30.06
C ALA E 171 8.90 4.64 31.20
N GLU E 172 7.85 4.78 31.99
CA GLU E 172 7.58 3.87 33.09
C GLU E 172 6.10 3.58 33.13
N ALA E 173 5.77 2.37 33.60
CA ALA E 173 4.36 2.04 33.76
C ALA E 173 4.21 1.07 34.90
N THR E 174 2.98 0.98 35.41
CA THR E 174 2.69 0.04 36.49
C THR E 174 1.51 -0.85 36.08
N CYS E 175 1.61 -2.17 36.29
CA CYS E 175 0.46 -3.05 36.14
C CYS E 175 -0.59 -2.75 37.22
N PRO E 176 -1.86 -2.51 36.85
CA PRO E 176 -2.81 -2.15 37.91
C PRO E 176 -3.21 -3.38 38.69
N HIS E 177 -2.99 -4.59 38.18
CA HIS E 177 -3.52 -5.77 38.86
C HIS E 177 -2.57 -6.26 39.94
N THR E 178 -1.28 -6.02 39.74
CA THR E 178 -0.23 -6.49 40.66
C THR E 178 0.58 -5.36 41.27
N GLY E 179 0.52 -4.16 40.70
CA GLY E 179 1.46 -3.09 41.02
C GLY E 179 2.91 -3.25 40.60
N GLU E 180 3.21 -4.30 39.84
CA GLU E 180 4.52 -4.48 39.18
C GLU E 180 4.90 -3.25 38.38
N ARG E 181 6.13 -2.76 38.54
CA ARG E 181 6.63 -1.61 37.79
C ARG E 181 7.46 -2.12 36.63
N TYR E 182 7.23 -1.49 35.48
CA TYR E 182 7.93 -1.78 34.23
C TYR E 182 8.68 -0.50 33.84
N ILE E 183 9.87 -0.68 33.28
CA ILE E 183 10.69 0.44 32.81
C ILE E 183 10.99 0.20 31.33
N LEU E 184 10.72 1.21 30.51
CA LEU E 184 11.14 1.20 29.12
C LEU E 184 12.37 2.08 28.99
N THR E 185 13.44 1.47 28.50
CA THR E 185 14.70 2.21 28.31
C THR E 185 15.10 1.94 26.87
N ASP E 186 15.14 3.02 26.09
CA ASP E 186 15.53 2.93 24.68
C ASP E 186 14.74 1.85 23.97
N GLY E 187 13.44 1.84 24.27
CA GLY E 187 12.53 0.93 23.58
C GLY E 187 12.66 -0.53 23.95
N VAL E 188 13.33 -0.82 25.06
CA VAL E 188 13.39 -2.15 25.63
C VAL E 188 12.69 -2.12 26.98
N CYS E 189 11.71 -2.99 27.17
CA CYS E 189 10.91 -3.06 28.38
C CYS E 189 11.42 -4.12 29.33
N ARG E 190 11.49 -3.75 30.61
CA ARG E 190 11.90 -4.69 31.67
C ARG E 190 11.07 -4.50 32.92
N LEU E 191 10.94 -5.59 33.67
CA LEU E 191 10.43 -5.51 35.03
C LEU E 191 11.44 -4.74 35.90
N ALA E 192 11.00 -3.72 36.63
CA ALA E 192 11.88 -2.97 37.56
C ALA E 192 12.52 -3.92 38.58
N ALA F 4 5.62 -49.43 0.49
CA ALA F 4 5.71 -48.18 1.31
C ALA F 4 5.63 -48.64 2.77
N THR F 5 6.25 -47.87 3.67
CA THR F 5 6.22 -48.09 5.12
C THR F 5 5.06 -47.31 5.76
N ILE F 6 4.17 -48.00 6.47
CA ILE F 6 2.88 -47.46 6.90
C ILE F 6 2.77 -47.63 8.41
N HIS F 7 2.77 -46.57 9.20
CA HIS F 7 2.60 -46.70 10.65
C HIS F 7 1.34 -47.52 11.00
N PRO F 8 1.42 -48.42 11.99
CA PRO F 8 0.26 -49.26 12.29
C PRO F 8 -1.01 -48.48 12.65
N THR F 9 -0.85 -47.27 13.17
CA THR F 9 -2.03 -46.45 13.48
C THR F 9 -2.62 -45.73 12.29
N ALA F 10 -1.91 -45.68 11.16
CA ALA F 10 -2.46 -45.14 9.94
C ALA F 10 -3.55 -46.02 9.35
N ILE F 11 -4.45 -45.43 8.57
CA ILE F 11 -5.54 -46.16 7.95
C ILE F 11 -5.49 -45.87 6.47
N VAL F 12 -5.08 -46.86 5.68
CA VAL F 12 -4.91 -46.68 4.23
C VAL F 12 -6.02 -47.51 3.57
N ASP F 13 -7.04 -46.89 3.01
CA ASP F 13 -8.22 -47.65 2.56
C ASP F 13 -7.91 -48.51 1.33
N GLU F 14 -8.61 -49.64 1.20
CA GLU F 14 -8.38 -50.53 0.08
C GLU F 14 -8.47 -49.76 -1.23
N GLY F 15 -7.54 -49.93 -2.15
CA GLY F 15 -7.64 -49.23 -3.41
C GLY F 15 -6.51 -48.21 -3.54
N ALA F 16 -6.09 -47.64 -2.42
CA ALA F 16 -5.08 -46.57 -2.48
C ALA F 16 -3.79 -47.13 -3.05
N ARG F 17 -3.16 -46.34 -3.93
CA ARG F 17 -1.88 -46.75 -4.52
C ARG F 17 -0.80 -45.88 -3.87
N ILE F 18 0.20 -46.49 -3.27
CA ILE F 18 1.29 -45.76 -2.63
C ILE F 18 2.59 -46.36 -3.11
N GLY F 19 3.45 -45.52 -3.66
CA GLY F 19 4.72 -45.96 -4.25
C GLY F 19 5.79 -46.43 -3.27
N ALA F 20 6.73 -47.20 -3.82
CA ALA F 20 7.89 -47.63 -3.06
C ALA F 20 8.61 -46.53 -2.30
N HIS F 21 9.12 -46.84 -1.11
CA HIS F 21 10.00 -45.96 -0.32
C HIS F 21 9.23 -44.77 0.29
N SER F 22 7.92 -44.75 0.09
CA SER F 22 7.15 -43.74 0.83
C SER F 22 6.96 -44.12 2.27
N ARG F 23 6.75 -43.12 3.11
CA ARG F 23 6.58 -43.30 4.56
C ARG F 23 5.30 -42.60 4.96
N ILE F 24 4.40 -43.34 5.61
CA ILE F 24 3.14 -42.86 6.14
C ILE F 24 3.17 -42.87 7.64
N TRP F 25 3.03 -41.73 8.29
CA TRP F 25 3.27 -41.63 9.72
C TRP F 25 1.96 -41.76 10.53
N HIS F 26 2.02 -41.42 11.82
CA HIS F 26 0.95 -41.73 12.77
C HIS F 26 -0.42 -41.17 12.44
N TRP F 27 -1.47 -41.97 12.50
CA TRP F 27 -2.86 -41.52 12.40
C TRP F 27 -3.11 -40.68 11.14
N VAL F 28 -2.54 -41.14 10.02
CA VAL F 28 -2.84 -40.65 8.69
C VAL F 28 -4.01 -41.44 8.12
N HIS F 29 -4.95 -40.79 7.44
CA HIS F 29 -5.97 -41.51 6.70
C HIS F 29 -5.87 -41.19 5.22
N ILE F 30 -5.73 -42.22 4.38
CA ILE F 30 -5.67 -42.08 2.92
C ILE F 30 -6.86 -42.82 2.31
N CYS F 31 -7.68 -42.15 1.52
CA CYS F 31 -8.85 -42.73 0.89
C CYS F 31 -8.46 -43.61 -0.30
N GLY F 32 -9.40 -44.45 -0.68
CA GLY F 32 -9.13 -45.55 -1.62
C GLY F 32 -8.84 -45.13 -3.05
N GLY F 33 -9.25 -43.93 -3.45
CA GLY F 33 -8.96 -43.42 -4.80
C GLY F 33 -7.58 -42.81 -4.96
N ALA F 34 -6.89 -42.57 -3.85
CA ALA F 34 -5.67 -41.77 -3.92
C ALA F 34 -4.54 -42.50 -4.64
N GLU F 35 -3.71 -41.70 -5.32
CA GLU F 35 -2.48 -42.17 -5.96
C GLU F 35 -1.33 -41.32 -5.46
N ILE F 36 -0.37 -42.00 -4.85
CA ILE F 36 0.81 -41.37 -4.24
C ILE F 36 2.05 -42.04 -4.81
N GLY F 37 3.03 -41.24 -5.20
CA GLY F 37 4.23 -41.80 -5.81
C GLY F 37 5.26 -42.39 -4.87
N GLU F 38 6.49 -42.51 -5.37
CA GLU F 38 7.60 -43.08 -4.65
C GLU F 38 8.31 -42.06 -3.79
N GLY F 39 8.82 -42.46 -2.64
CA GLY F 39 9.67 -41.63 -1.81
C GLY F 39 8.96 -40.45 -1.15
N CYS F 40 7.64 -40.52 -1.05
CA CYS F 40 6.91 -39.47 -0.33
C CYS F 40 6.98 -39.60 1.18
N SER F 41 6.66 -38.55 1.92
CA SER F 41 6.59 -38.59 3.36
C SER F 41 5.27 -37.92 3.74
N LEU F 42 4.44 -38.59 4.53
CA LEU F 42 3.16 -38.01 4.94
C LEU F 42 3.16 -38.02 6.45
N GLY F 43 3.17 -36.83 7.06
CA GLY F 43 3.28 -36.65 8.51
C GLY F 43 2.02 -36.93 9.29
N GLN F 44 2.19 -36.81 10.58
CA GLN F 44 1.08 -37.07 11.51
C GLN F 44 -0.22 -36.40 11.13
N ASN F 45 -1.32 -37.13 11.15
CA ASN F 45 -2.65 -36.58 10.93
C ASN F 45 -2.84 -36.04 9.53
N VAL F 46 -2.01 -36.42 8.57
CA VAL F 46 -2.39 -36.09 7.19
C VAL F 46 -3.68 -36.77 6.76
N PHE F 47 -4.42 -36.14 5.88
CA PHE F 47 -5.61 -36.69 5.24
C PHE F 47 -5.42 -36.61 3.75
N VAL F 48 -5.77 -37.66 3.00
CA VAL F 48 -5.72 -37.65 1.54
C VAL F 48 -7.02 -38.18 1.00
N GLY F 49 -7.65 -37.39 0.17
CA GLY F 49 -8.93 -37.71 -0.45
C GLY F 49 -8.83 -38.72 -1.56
N ASN F 50 -9.97 -38.98 -2.22
CA ASN F 50 -9.99 -39.91 -3.34
C ASN F 50 -9.50 -39.32 -4.64
N ARG F 51 -9.95 -38.12 -5.03
CA ARG F 51 -9.60 -37.55 -6.33
C ARG F 51 -8.32 -36.73 -6.16
N VAL F 52 -7.25 -37.47 -5.92
CA VAL F 52 -5.96 -36.86 -5.56
C VAL F 52 -4.85 -37.64 -6.24
N ARG F 53 -3.94 -36.89 -6.85
CA ARG F 53 -2.71 -37.50 -7.33
C ARG F 53 -1.54 -36.73 -6.74
N ILE F 54 -0.60 -37.49 -6.19
CA ILE F 54 0.60 -36.91 -5.56
C ILE F 54 1.73 -37.67 -6.23
N GLY F 55 2.70 -36.88 -6.68
CA GLY F 55 3.81 -37.44 -7.46
C GLY F 55 4.89 -38.05 -6.58
N ASN F 56 6.14 -38.04 -7.05
CA ASN F 56 7.25 -38.64 -6.32
C ASN F 56 8.04 -37.64 -5.45
N ARG F 57 8.54 -38.08 -4.31
CA ARG F 57 9.34 -37.29 -3.36
C ARG F 57 8.59 -36.04 -2.96
N VAL F 58 7.29 -36.22 -2.75
CA VAL F 58 6.51 -35.16 -2.15
C VAL F 58 6.54 -35.27 -0.65
N LYS F 59 6.82 -34.17 0.03
CA LYS F 59 6.98 -34.12 1.46
C LYS F 59 5.77 -33.36 2.01
N ILE F 60 4.92 -34.03 2.79
CA ILE F 60 3.67 -33.48 3.32
C ILE F 60 3.81 -33.51 4.82
N GLN F 61 3.98 -32.36 5.44
CA GLN F 61 4.18 -32.29 6.86
C GLN F 61 2.86 -32.50 7.62
N ASN F 62 2.97 -32.45 8.96
CA ASN F 62 1.84 -32.75 9.86
C ASN F 62 0.63 -31.87 9.50
N ASN F 63 -0.54 -32.47 9.67
CA ASN F 63 -1.82 -31.73 9.70
C ASN F 63 -2.18 -31.11 8.35
N VAL F 64 -1.72 -31.71 7.27
CA VAL F 64 -2.14 -31.25 5.93
C VAL F 64 -3.23 -32.19 5.38
N SER F 65 -4.33 -31.59 4.92
CA SER F 65 -5.40 -32.33 4.32
C SER F 65 -5.40 -32.09 2.83
N VAL F 66 -5.05 -33.12 2.08
CA VAL F 66 -4.98 -33.04 0.64
C VAL F 66 -6.34 -33.52 0.15
N TYR F 67 -7.28 -32.58 0.09
CA TYR F 67 -8.68 -32.92 -0.28
C TYR F 67 -8.78 -33.30 -1.77
N ASP F 68 -9.92 -33.88 -2.11
CA ASP F 68 -10.30 -34.08 -3.50
C ASP F 68 -10.00 -32.86 -4.33
N ASN F 69 -9.50 -33.05 -5.54
CA ASN F 69 -9.31 -32.05 -6.57
C ASN F 69 -8.00 -31.27 -6.38
N VAL F 70 -7.09 -31.83 -5.57
CA VAL F 70 -5.77 -31.23 -5.39
C VAL F 70 -4.76 -32.23 -5.99
N PHE F 71 -3.84 -31.67 -6.76
CA PHE F 71 -2.82 -32.45 -7.47
C PHE F 71 -1.45 -31.88 -7.28
N LEU F 72 -0.54 -32.76 -6.83
CA LEU F 72 0.80 -32.32 -6.41
C LEU F 72 1.81 -33.02 -7.28
N GLU F 73 2.58 -32.25 -8.03
CA GLU F 73 3.63 -32.84 -8.84
C GLU F 73 4.83 -33.24 -7.99
N ASP F 74 5.84 -33.80 -8.66
CA ASP F 74 7.02 -34.32 -8.01
C ASP F 74 7.68 -33.17 -7.23
N ASP F 75 8.30 -33.56 -6.12
CA ASP F 75 9.22 -32.71 -5.36
C ASP F 75 8.52 -31.50 -4.75
N VAL F 76 7.20 -31.59 -4.55
CA VAL F 76 6.50 -30.52 -3.84
C VAL F 76 6.68 -30.65 -2.34
N PHE F 77 6.74 -29.52 -1.65
CA PHE F 77 6.87 -29.51 -0.19
C PHE F 77 5.64 -28.83 0.40
N CYS F 78 4.89 -29.54 1.21
CA CYS F 78 3.71 -28.95 1.88
C CYS F 78 4.08 -28.81 3.34
N GLY F 79 4.28 -27.56 3.77
CA GLY F 79 4.76 -27.35 5.13
C GLY F 79 3.73 -27.59 6.24
N PRO F 80 4.18 -27.56 7.51
CA PRO F 80 3.36 -27.93 8.66
C PRO F 80 2.06 -27.20 8.65
N SER F 81 0.94 -27.89 8.70
CA SER F 81 -0.35 -27.27 8.83
C SER F 81 -0.74 -26.34 7.72
N MET F 82 -0.16 -26.49 6.52
CA MET F 82 -0.72 -25.74 5.41
C MET F 82 -2.07 -26.28 4.97
N VAL F 83 -2.86 -25.46 4.30
CA VAL F 83 -4.27 -25.77 4.06
C VAL F 83 -4.65 -25.65 2.60
N PHE F 84 -5.23 -26.76 2.09
CA PHE F 84 -5.78 -26.70 0.72
C PHE F 84 -7.32 -26.59 0.86
N THR F 85 -7.95 -26.15 -0.23
CA THR F 85 -9.42 -26.08 -0.32
C THR F 85 -9.85 -26.57 -1.69
N ASN F 86 -11.14 -26.91 -1.81
CA ASN F 86 -11.71 -27.39 -3.08
C ASN F 86 -13.06 -26.77 -3.38
N VAL F 87 -13.57 -25.89 -2.54
CA VAL F 87 -14.81 -25.14 -2.81
C VAL F 87 -14.42 -23.68 -2.57
N TYR F 88 -14.76 -22.80 -3.52
CA TYR F 88 -14.42 -21.40 -3.46
C TYR F 88 -15.24 -20.62 -2.45
N ASN F 89 -16.56 -20.81 -2.45
CA ASN F 89 -17.46 -20.02 -1.64
C ASN F 89 -18.41 -20.90 -0.86
N PRO F 90 -17.89 -21.74 0.04
CA PRO F 90 -18.72 -22.74 0.74
C PRO F 90 -19.89 -22.15 1.54
N ARG F 91 -21.03 -22.82 1.43
CA ARG F 91 -22.17 -22.67 2.34
C ARG F 91 -22.63 -24.08 2.70
N ALA F 92 -22.90 -24.30 3.99
CA ALA F 92 -23.24 -25.64 4.44
C ALA F 92 -24.47 -26.18 3.66
N ALA F 93 -25.42 -25.32 3.32
CA ALA F 93 -26.67 -25.81 2.75
C ALA F 93 -26.60 -25.94 1.22
N ILE F 94 -25.48 -25.60 0.58
CA ILE F 94 -25.37 -25.65 -0.89
C ILE F 94 -24.28 -26.65 -1.25
N GLU F 95 -24.64 -27.84 -1.76
CA GLU F 95 -23.60 -28.81 -2.05
C GLU F 95 -22.96 -28.36 -3.36
N ARG F 96 -21.65 -28.51 -3.47
CA ARG F 96 -21.10 -27.78 -4.59
C ARG F 96 -20.51 -28.51 -5.77
N LYS F 97 -20.62 -29.84 -5.75
CA LYS F 97 -19.69 -30.70 -6.47
C LYS F 97 -19.39 -30.17 -7.86
N SER F 98 -20.41 -29.84 -8.64
CA SER F 98 -20.12 -29.48 -10.01
C SER F 98 -19.30 -28.19 -10.03
N GLU F 99 -19.15 -27.55 -8.87
CA GLU F 99 -18.41 -26.30 -8.82
C GLU F 99 -17.02 -26.44 -8.19
N TYR F 100 -16.60 -27.65 -7.80
CA TYR F 100 -15.28 -27.79 -7.20
C TYR F 100 -14.22 -27.22 -8.14
N ARG F 101 -13.16 -26.66 -7.57
CA ARG F 101 -12.12 -26.17 -8.45
C ARG F 101 -10.83 -26.93 -8.16
N ASP F 102 -10.10 -27.24 -9.23
CA ASP F 102 -8.82 -27.94 -9.08
C ASP F 102 -7.72 -27.00 -8.59
N THR F 103 -6.86 -27.56 -7.75
CA THR F 103 -5.67 -26.85 -7.32
C THR F 103 -4.48 -27.70 -7.78
N ILE F 104 -3.60 -27.11 -8.57
CA ILE F 104 -2.45 -27.83 -9.17
C ILE F 104 -1.19 -27.19 -8.62
N VAL F 105 -0.35 -28.00 -7.98
CA VAL F 105 0.93 -27.51 -7.49
C VAL F 105 2.02 -28.16 -8.32
N ARG F 106 2.75 -27.36 -9.06
CA ARG F 106 3.76 -27.87 -10.00
C ARG F 106 5.09 -28.21 -9.34
N GLN F 107 5.90 -28.92 -10.11
CA GLN F 107 7.10 -29.59 -9.62
C GLN F 107 7.96 -28.61 -8.83
N GLY F 108 8.34 -29.07 -7.64
CA GLY F 108 9.37 -28.36 -6.89
C GLY F 108 8.82 -27.25 -6.01
N ALA F 109 7.53 -26.95 -6.15
CA ALA F 109 7.03 -25.77 -5.41
C ALA F 109 7.06 -26.08 -3.91
N THR F 110 7.22 -25.00 -3.16
CA THR F 110 7.16 -25.06 -1.70
C THR F 110 5.98 -24.26 -1.17
N LEU F 111 5.21 -24.89 -0.29
CA LEU F 111 4.07 -24.24 0.34
C LEU F 111 4.42 -24.11 1.81
N GLY F 112 4.70 -22.90 2.28
CA GLY F 112 5.18 -22.71 3.64
C GLY F 112 4.17 -23.08 4.72
N ALA F 113 4.72 -23.30 5.90
CA ALA F 113 3.94 -23.59 7.08
C ALA F 113 2.73 -22.72 7.25
N ASN F 114 1.57 -23.34 7.42
CA ASN F 114 0.36 -22.59 7.78
C ASN F 114 -0.08 -21.66 6.65
N CYS F 115 0.38 -21.83 5.41
CA CYS F 115 -0.24 -21.10 4.33
C CYS F 115 -1.60 -21.69 3.96
N THR F 116 -2.36 -21.00 3.13
CA THR F 116 -3.67 -21.50 2.68
C THR F 116 -3.79 -21.24 1.19
N VAL F 117 -4.26 -22.23 0.41
CA VAL F 117 -4.47 -22.08 -1.00
C VAL F 117 -5.96 -22.03 -1.36
N VAL F 118 -6.50 -20.88 -1.76
CA VAL F 118 -7.89 -20.86 -2.26
C VAL F 118 -8.00 -21.64 -3.55
N CYS F 119 -9.03 -22.47 -3.60
CA CYS F 119 -9.06 -23.41 -4.70
C CYS F 119 -9.17 -22.75 -6.08
N GLY F 120 -8.58 -23.44 -7.04
CA GLY F 120 -8.52 -22.93 -8.41
C GLY F 120 -7.15 -22.42 -8.78
N ALA F 121 -6.35 -22.08 -7.77
CA ALA F 121 -5.02 -21.57 -8.09
C ALA F 121 -4.13 -22.68 -8.64
N THR F 122 -3.23 -22.27 -9.52
CA THR F 122 -2.08 -23.06 -9.94
C THR F 122 -0.85 -22.42 -9.34
N ILE F 123 -0.07 -23.27 -8.67
CA ILE F 123 1.19 -22.83 -8.07
C ILE F 123 2.34 -23.33 -8.93
N GLY F 124 3.15 -22.43 -9.47
CA GLY F 124 4.11 -22.77 -10.50
C GLY F 124 5.35 -23.53 -9.99
N ARG F 125 6.09 -24.04 -10.96
CA ARG F 125 7.25 -24.88 -10.69
C ARG F 125 8.21 -24.09 -9.81
N TYR F 126 8.66 -24.69 -8.74
CA TYR F 126 9.66 -24.11 -7.83
C TYR F 126 9.21 -22.77 -7.25
N ALA F 127 7.90 -22.53 -7.26
CA ALA F 127 7.43 -21.34 -6.50
C ALA F 127 7.72 -21.52 -5.03
N PHE F 128 7.56 -20.45 -4.29
CA PHE F 128 7.75 -20.51 -2.85
C PHE F 128 6.73 -19.60 -2.18
N VAL F 129 5.79 -20.22 -1.46
CA VAL F 129 4.74 -19.53 -0.73
C VAL F 129 5.21 -19.39 0.73
N GLY F 130 5.44 -18.16 1.18
CA GLY F 130 5.89 -17.90 2.56
C GLY F 130 4.94 -18.49 3.59
N ALA F 131 5.50 -18.77 4.77
CA ALA F 131 4.68 -19.16 5.92
C ALA F 131 3.52 -18.25 6.15
N GLY F 132 2.34 -18.85 6.32
CA GLY F 132 1.14 -18.07 6.67
C GLY F 132 0.52 -17.31 5.52
N ALA F 133 1.04 -17.37 4.31
CA ALA F 133 0.44 -16.63 3.23
C ALA F 133 -0.95 -17.15 2.87
N VAL F 134 -1.83 -16.34 2.28
CA VAL F 134 -3.07 -16.84 1.73
C VAL F 134 -3.04 -16.57 0.23
N VAL F 135 -2.99 -17.66 -0.53
CA VAL F 135 -2.83 -17.55 -1.98
C VAL F 135 -4.24 -17.57 -2.58
N ASN F 136 -4.56 -16.49 -3.27
CA ASN F 136 -5.83 -16.38 -4.00
C ASN F 136 -5.69 -16.03 -5.45
N LYS F 137 -4.53 -16.27 -6.05
CA LYS F 137 -4.32 -16.07 -7.48
C LYS F 137 -3.17 -16.99 -7.87
N ASP F 138 -3.06 -17.21 -9.17
CA ASP F 138 -1.98 -18.08 -9.64
C ASP F 138 -0.65 -17.51 -9.17
N VAL F 139 0.28 -18.44 -8.95
CA VAL F 139 1.65 -18.11 -8.54
C VAL F 139 2.59 -18.55 -9.67
N PRO F 140 3.32 -17.58 -10.24
CA PRO F 140 4.24 -17.95 -11.33
C PRO F 140 5.35 -18.93 -10.92
N ASP F 141 5.91 -19.63 -11.90
CA ASP F 141 7.09 -20.46 -11.68
C ASP F 141 8.14 -19.58 -11.02
N PHE F 142 8.75 -20.10 -9.96
CA PHE F 142 9.83 -19.45 -9.21
C PHE F 142 9.41 -18.26 -8.38
N ALA F 143 8.12 -17.92 -8.35
CA ALA F 143 7.77 -16.72 -7.59
C ALA F 143 7.82 -16.96 -6.11
N LEU F 144 8.32 -15.96 -5.40
CA LEU F 144 8.28 -15.92 -3.93
C LEU F 144 7.14 -15.01 -3.58
N VAL F 145 6.12 -15.52 -2.90
CA VAL F 145 4.93 -14.77 -2.52
C VAL F 145 4.70 -14.81 -1.02
N VAL F 146 4.32 -13.68 -0.41
CA VAL F 146 4.06 -13.63 1.02
C VAL F 146 2.82 -12.78 1.26
N GLY F 147 2.19 -12.98 2.42
CA GLY F 147 1.15 -12.03 2.88
C GLY F 147 -0.25 -12.57 2.76
N VAL F 148 -1.20 -11.87 3.37
CA VAL F 148 -2.64 -12.14 3.33
C VAL F 148 -3.34 -10.96 2.67
N PRO F 149 -3.69 -11.07 1.38
CA PRO F 149 -3.46 -12.17 0.47
C PRO F 149 -2.04 -12.06 -0.05
N ALA F 150 -1.62 -13.15 -0.70
CA ALA F 150 -0.22 -13.27 -1.12
C ALA F 150 0.10 -12.33 -2.28
N ARG F 151 1.26 -11.68 -2.19
CA ARG F 151 1.80 -10.86 -3.28
C ARG F 151 3.24 -11.30 -3.55
N GLN F 152 3.70 -11.12 -4.79
CA GLN F 152 5.04 -11.58 -5.14
C GLN F 152 6.05 -10.52 -4.73
N ILE F 153 7.11 -10.93 -4.05
CA ILE F 153 8.18 -10.06 -3.64
C ILE F 153 9.53 -10.42 -4.22
N GLY F 154 9.68 -11.57 -4.87
CA GLY F 154 10.98 -11.95 -5.39
C GLY F 154 10.85 -13.19 -6.24
N TRP F 155 12.00 -13.77 -6.56
CA TRP F 155 12.08 -15.05 -7.30
C TRP F 155 13.00 -15.96 -6.51
N MET F 156 12.60 -17.23 -6.40
CA MET F 156 13.38 -18.19 -5.59
C MET F 156 14.03 -19.18 -6.58
N SER F 157 15.33 -19.46 -6.45
CA SER F 157 15.97 -20.50 -7.26
C SER F 157 15.45 -21.89 -6.86
N ARG F 158 15.76 -22.90 -7.68
CA ARG F 158 15.47 -24.28 -7.26
C ARG F 158 16.04 -24.56 -5.87
N HIS F 159 17.25 -24.07 -5.63
CA HIS F 159 17.92 -24.27 -4.36
C HIS F 159 17.12 -23.78 -3.19
N GLY F 160 16.32 -22.72 -3.40
CA GLY F 160 15.50 -22.10 -2.36
C GLY F 160 16.13 -20.87 -1.75
N GLU F 161 16.81 -20.04 -2.54
CA GLU F 161 17.22 -18.73 -2.07
C GLU F 161 16.90 -17.70 -3.16
N GLN F 162 16.70 -16.46 -2.72
CA GLN F 162 16.22 -15.50 -3.71
C GLN F 162 17.31 -15.26 -4.75
N LEU F 163 16.85 -15.04 -5.98
CA LEU F 163 17.72 -14.66 -7.10
C LEU F 163 17.85 -13.13 -7.17
N ASP F 164 19.01 -12.67 -7.65
CA ASP F 164 19.26 -11.24 -7.86
C ASP F 164 18.69 -10.93 -9.24
N LEU F 165 17.36 -10.90 -9.35
CA LEU F 165 16.61 -10.84 -10.60
C LEU F 165 15.43 -9.91 -10.31
N PRO F 166 15.22 -8.88 -11.14
CA PRO F 166 14.10 -7.98 -10.85
C PRO F 166 12.78 -8.69 -11.03
N LEU F 167 11.71 -8.15 -10.45
CA LEU F 167 10.41 -8.73 -10.71
C LEU F 167 9.90 -8.57 -12.12
N ARG F 168 10.26 -7.43 -12.73
CA ARG F 168 9.64 -7.01 -13.98
C ARG F 168 10.68 -6.96 -15.08
N GLY F 169 10.23 -7.14 -16.31
CA GLY F 169 11.05 -6.79 -17.47
C GLY F 169 11.84 -8.01 -17.95
N ASN F 170 12.99 -7.72 -18.54
CA ASN F 170 13.88 -8.73 -19.11
C ASN F 170 15.20 -8.67 -18.36
N ALA F 171 15.70 -9.85 -17.97
CA ALA F 171 16.96 -9.90 -17.22
C ALA F 171 17.41 -11.35 -17.15
N GLU F 172 18.61 -11.49 -16.57
CA GLU F 172 19.21 -12.80 -16.32
C GLU F 172 19.82 -12.81 -14.92
N ALA F 173 19.87 -14.00 -14.31
CA ALA F 173 20.59 -14.14 -13.05
C ALA F 173 21.14 -15.57 -12.95
N THR F 174 22.03 -15.75 -11.98
CA THR F 174 22.61 -17.08 -11.79
C THR F 174 22.50 -17.45 -10.31
N CYS F 175 22.17 -18.70 -10.02
CA CYS F 175 22.17 -19.19 -8.64
C CYS F 175 23.66 -19.41 -8.28
N PRO F 176 24.11 -18.83 -7.15
CA PRO F 176 25.52 -18.98 -6.76
C PRO F 176 25.88 -20.40 -6.27
N HIS F 177 24.87 -21.15 -5.83
CA HIS F 177 25.13 -22.48 -5.27
C HIS F 177 25.34 -23.55 -6.31
N THR F 178 24.67 -23.40 -7.45
CA THR F 178 24.72 -24.39 -8.50
C THR F 178 25.27 -23.85 -9.82
N GLY F 179 25.32 -22.53 -9.98
CA GLY F 179 25.59 -21.86 -11.26
C GLY F 179 24.46 -21.97 -12.26
N GLU F 180 23.29 -22.49 -11.91
CA GLU F 180 22.10 -22.54 -12.80
C GLU F 180 21.77 -21.12 -13.26
N ARG F 181 21.48 -20.99 -14.56
CA ARG F 181 21.13 -19.68 -15.11
C ARG F 181 19.61 -19.56 -15.24
N TYR F 182 19.08 -18.37 -14.94
CA TYR F 182 17.65 -18.06 -14.98
C TYR F 182 17.48 -16.90 -15.98
N ILE F 183 16.37 -16.97 -16.71
CA ILE F 183 16.08 -15.91 -17.70
C ILE F 183 14.69 -15.37 -17.36
N LEU F 184 14.60 -14.05 -17.30
CA LEU F 184 13.34 -13.34 -17.07
C LEU F 184 12.97 -12.71 -18.42
N THR F 185 11.76 -13.03 -18.86
CA THR F 185 11.22 -12.49 -20.13
C THR F 185 9.87 -11.85 -19.81
N ASP F 186 9.83 -10.53 -19.93
CA ASP F 186 8.64 -9.74 -19.59
C ASP F 186 8.01 -10.23 -18.30
N GLY F 187 8.88 -10.36 -17.29
CA GLY F 187 8.39 -10.65 -15.94
C GLY F 187 8.07 -12.12 -15.68
N VAL F 188 8.40 -13.03 -16.59
CA VAL F 188 8.21 -14.47 -16.37
C VAL F 188 9.59 -15.14 -16.30
N CYS F 189 9.86 -15.88 -15.23
CA CYS F 189 11.19 -16.45 -14.93
C CYS F 189 11.18 -17.93 -15.37
N ARG F 190 12.28 -18.35 -16.02
CA ARG F 190 12.50 -19.75 -16.37
C ARG F 190 13.97 -20.12 -16.12
N LEU F 191 14.17 -21.42 -15.91
CA LEU F 191 15.49 -22.02 -15.99
C LEU F 191 16.04 -21.94 -17.42
N ALA F 192 17.31 -21.61 -17.61
CA ALA F 192 17.91 -21.69 -18.93
C ALA F 192 18.25 -23.11 -19.31
#